data_4MWD
#
_entry.id   4MWD
#
_cell.length_a   88.267
_cell.length_b   105.880
_cell.length_c   206.676
_cell.angle_alpha   90.000
_cell.angle_beta   90.000
_cell.angle_gamma   90.000
#
_symmetry.space_group_name_H-M   'P 21 21 21'
#
loop_
_entity.id
_entity.type
_entity.pdbx_description
1 polymer 'Methionyl-tRNA synthetase'
2 non-polymer GLYCEROL
3 non-polymer 'DIMETHYL SULFOXIDE'
4 non-polymer 'SULFATE ION'
5 non-polymer METHIONINE
6 non-polymer 1-{3-[(3,5-dichlorobenzyl)amino]propyl}-3-thiophen-3-ylurea
7 non-polymer 'PHOSPHOMETHYLPHOSPHONIC ACID ADENYLATE ESTER'
8 water water
#
_entity_poly.entity_id   1
_entity_poly.type   'polypeptide(L)'
_entity_poly.pdbx_seq_one_letter_code
;GPGSMKVEKVFFVTSPIYYVNAAPHIGHVYSTLITDVIGRYHRVKGERVFALTGTDEHGQKVAEAAKQKQVSPYDFTTAV
AGEFKK(CAS)FEQMDYSIDYFIRTTNEQHKAVVKELWTKLEQKGDIYLGRYEGWYSISDESFLTPQNITDGVDKDGNPC
KVSLESGHVVTWVSEENYMFRLSAFRERLLEWYHANPGCIVPEFRRREVIRAVEKGLPDLSVSRARATLHNWAIPVPGNP
DH(CAS)VYVWLDALTNYLTGSRLRVDESGKEVSLVDDFNELERFPADVHVIGKDILKFHAIYWPAFLLSAGLPLPKKIV
AHGWWTKDRKKISKSLGNVFDPVEKAEEFGYDALKYFLLRESGFSDDGDYSDKNMIARLNGELADTLGNLVMRCTSAKIN
VNGEWPSPAAYTEEDESLIQLIKDLPGTADHYYLIPDIQKAIIAVFDVLRAINAYVTDMAPWKLVKTDPERLRTVLYITL
EGVRVTTLLLSPILPRKSVVIFDMLGVPEVHRKGIENFEFGAVPPGTRLGPAVEGEVLFSKRSTENTKST
;
_entity_poly.pdbx_strand_id   A,B
#
# COMPACT_ATOMS: atom_id res chain seq x y z
N VAL A 7 28.97 3.12 -16.87
CA VAL A 7 28.18 2.68 -15.68
C VAL A 7 28.22 3.75 -14.58
N GLU A 8 29.41 4.02 -14.05
CA GLU A 8 29.58 5.09 -13.05
C GLU A 8 29.98 6.41 -13.73
N LYS A 9 29.10 7.39 -13.60
CA LYS A 9 29.22 8.66 -14.27
C LYS A 9 28.45 9.67 -13.44
N VAL A 10 28.42 10.93 -13.86
CA VAL A 10 27.67 11.94 -13.13
C VAL A 10 26.24 11.80 -13.61
N PHE A 11 25.30 11.64 -12.68
CA PHE A 11 23.89 11.55 -13.07
C PHE A 11 23.45 12.90 -13.62
N PHE A 12 23.00 12.93 -14.86
CA PHE A 12 22.78 14.18 -15.59
C PHE A 12 21.29 14.31 -15.89
N VAL A 13 20.66 15.31 -15.29
CA VAL A 13 19.24 15.55 -15.45
C VAL A 13 19.00 16.99 -15.87
N THR A 14 18.11 17.18 -16.85
CA THR A 14 17.84 18.51 -17.43
C THR A 14 16.36 18.88 -17.42
N SER A 15 16.10 20.18 -17.37
CA SER A 15 14.81 20.75 -17.71
C SER A 15 14.89 21.28 -19.14
N PRO A 16 13.74 21.64 -19.73
CA PRO A 16 13.85 22.40 -20.96
C PRO A 16 14.53 23.74 -20.68
N ILE A 17 15.04 24.37 -21.72
CA ILE A 17 15.40 25.77 -21.63
C ILE A 17 14.26 26.57 -22.23
N TYR A 18 13.83 27.61 -21.52
CA TYR A 18 12.55 28.27 -21.77
C TYR A 18 12.68 29.53 -22.60
N TYR A 19 11.78 29.70 -23.58
CA TYR A 19 11.75 30.94 -24.35
C TYR A 19 11.63 32.12 -23.41
N VAL A 20 12.34 33.20 -23.72
CA VAL A 20 12.30 34.40 -22.86
C VAL A 20 11.46 35.52 -23.48
N ASN A 21 10.35 35.14 -24.11
CA ASN A 21 9.40 36.08 -24.72
C ASN A 21 8.46 36.73 -23.69
N ALA A 22 8.38 36.12 -22.52
CA ALA A 22 7.47 36.56 -21.47
C ALA A 22 8.02 36.12 -20.11
N ALA A 23 7.43 36.65 -19.04
CA ALA A 23 7.92 36.39 -17.69
C ALA A 23 7.68 34.92 -17.32
N PRO A 24 8.51 34.39 -16.39
CA PRO A 24 8.34 33.01 -16.01
C PRO A 24 7.00 32.78 -15.31
N HIS A 25 6.46 31.57 -15.44
CA HIS A 25 5.17 31.22 -14.85
C HIS A 25 5.20 29.75 -14.35
N ILE A 26 4.06 29.25 -13.89
CA ILE A 26 3.96 27.93 -13.24
C ILE A 26 4.50 26.75 -14.08
N GLY A 27 4.26 26.77 -15.37
CA GLY A 27 4.77 25.72 -16.25
C GLY A 27 6.28 25.55 -16.18
N HIS A 28 6.99 26.67 -16.19
CA HIS A 28 8.45 26.67 -16.11
C HIS A 28 8.89 26.19 -14.73
N VAL A 29 8.23 26.71 -13.71
CA VAL A 29 8.52 26.33 -12.32
C VAL A 29 8.34 24.81 -12.10
N TYR A 30 7.26 24.26 -12.65
CA TYR A 30 6.93 22.84 -12.53
C TYR A 30 7.97 21.94 -13.19
N SER A 31 8.34 22.28 -14.42
CA SER A 31 9.32 21.50 -15.17
C SER A 31 10.64 21.49 -14.44
N THR A 32 11.06 22.65 -13.97
CA THR A 32 12.33 22.77 -13.28
C THR A 32 12.26 22.08 -11.93
N LEU A 33 11.09 22.08 -11.30
CA LEU A 33 10.90 21.38 -10.02
C LEU A 33 11.15 19.88 -10.15
N ILE A 34 10.59 19.29 -11.19
CA ILE A 34 10.71 17.87 -11.45
C ILE A 34 12.19 17.56 -11.64
N THR A 35 12.85 18.37 -12.45
CA THR A 35 14.27 18.24 -12.67
C THR A 35 15.01 18.26 -11.34
N ASP A 36 14.64 19.20 -10.49
CA ASP A 36 15.31 19.41 -9.21
C ASP A 36 15.12 18.22 -8.27
N VAL A 37 13.91 17.70 -8.22
CA VAL A 37 13.56 16.58 -7.36
C VAL A 37 14.37 15.34 -7.75
N ILE A 38 14.41 15.07 -9.05
CA ILE A 38 15.17 13.94 -9.54
C ILE A 38 16.65 14.09 -9.18
N GLY A 39 17.20 15.28 -9.39
CA GLY A 39 18.58 15.53 -9.02
C GLY A 39 18.82 15.33 -7.53
N ARG A 40 17.92 15.86 -6.70
CA ARG A 40 18.05 15.76 -5.25
C ARG A 40 17.95 14.32 -4.76
N TYR A 41 17.07 13.53 -5.36
CA TYR A 41 16.96 12.12 -4.94
C TYR A 41 18.28 11.41 -5.19
N HIS A 42 18.87 11.61 -6.37
CA HIS A 42 20.16 10.99 -6.66
C HIS A 42 21.31 11.54 -5.78
N ARG A 43 21.24 12.79 -5.36
CA ARG A 43 22.25 13.28 -4.41
C ARG A 43 22.06 12.57 -3.07
N VAL A 44 20.80 12.37 -2.67
CA VAL A 44 20.48 11.66 -1.42
C VAL A 44 21.02 10.23 -1.44
N LYS A 45 21.05 9.58 -2.62
CA LYS A 45 21.67 8.25 -2.73
C LYS A 45 23.19 8.27 -2.73
N GLY A 46 23.80 9.44 -2.67
CA GLY A 46 25.26 9.57 -2.63
C GLY A 46 25.92 9.62 -4.00
N GLU A 47 25.12 9.84 -5.04
CA GLU A 47 25.63 9.90 -6.41
C GLU A 47 26.10 11.32 -6.78
N ARG A 48 27.04 11.41 -7.71
CA ARG A 48 27.36 12.69 -8.32
C ARG A 48 26.21 13.10 -9.23
N VAL A 49 25.80 14.36 -9.13
CA VAL A 49 24.67 14.85 -9.89
C VAL A 49 25.02 16.17 -10.55
N PHE A 50 24.55 16.34 -11.79
CA PHE A 50 24.58 17.63 -12.47
C PHE A 50 23.18 17.90 -12.99
N ALA A 51 22.56 18.95 -12.47
CA ALA A 51 21.20 19.34 -12.80
C ALA A 51 21.22 20.65 -13.57
N LEU A 52 20.53 20.69 -14.69
CA LEU A 52 20.65 21.78 -15.64
C LEU A 52 19.31 22.38 -15.97
N THR A 53 19.28 23.71 -16.04
CA THR A 53 18.13 24.43 -16.55
C THR A 53 18.60 25.69 -17.29
N GLY A 54 17.68 26.47 -17.81
CA GLY A 54 18.08 27.70 -18.48
C GLY A 54 17.05 28.29 -19.42
N THR A 55 17.55 29.11 -20.34
CA THR A 55 16.70 29.93 -21.20
C THR A 55 17.11 29.82 -22.65
N ASP A 56 16.10 29.87 -23.53
CA ASP A 56 16.24 29.68 -24.97
C ASP A 56 16.00 31.07 -25.54
N GLU A 57 17.04 31.73 -26.04
CA GLU A 57 17.00 33.19 -26.20
C GLU A 57 17.03 33.72 -27.64
N HIS A 58 17.35 32.86 -28.60
CA HIS A 58 17.35 33.24 -30.00
C HIS A 58 15.99 32.98 -30.64
N GLY A 59 15.89 33.31 -31.92
CA GLY A 59 14.69 32.99 -32.70
C GLY A 59 13.77 34.16 -32.96
N GLN A 60 12.87 33.94 -33.92
CA GLN A 60 11.92 34.93 -34.37
C GLN A 60 10.94 35.29 -33.26
N LYS A 61 10.46 34.26 -32.57
CA LYS A 61 9.53 34.41 -31.46
C LYS A 61 10.10 35.39 -30.43
N VAL A 62 11.27 35.10 -29.91
CA VAL A 62 11.90 35.97 -28.92
C VAL A 62 12.21 37.34 -29.52
N ALA A 63 12.70 37.38 -30.75
CA ALA A 63 13.05 38.65 -31.41
C ALA A 63 11.84 39.56 -31.64
N GLU A 64 10.72 38.97 -32.03
CA GLU A 64 9.50 39.74 -32.25
C GLU A 64 8.86 40.21 -30.95
N ALA A 65 9.00 39.41 -29.90
CA ALA A 65 8.58 39.84 -28.56
C ALA A 65 9.40 41.04 -28.04
N ALA A 66 10.69 41.07 -28.36
CA ALA A 66 11.57 42.19 -28.03
C ALA A 66 11.11 43.44 -28.76
N LYS A 67 10.76 43.29 -30.03
CA LYS A 67 10.33 44.43 -30.83
C LYS A 67 9.03 45.05 -30.31
N GLN A 68 8.10 44.19 -29.85
CA GLN A 68 6.82 44.64 -29.28
C GLN A 68 7.02 45.52 -28.06
N LYS A 69 7.97 45.13 -27.20
CA LYS A 69 8.34 45.94 -26.05
C LYS A 69 9.22 47.12 -26.44
N GLN A 70 9.61 47.21 -27.71
CA GLN A 70 10.42 48.31 -28.22
C GLN A 70 11.74 48.43 -27.46
N VAL A 71 12.46 47.33 -27.37
CA VAL A 71 13.81 47.34 -26.83
C VAL A 71 14.67 46.33 -27.61
N SER A 72 15.99 46.49 -27.55
CA SER A 72 16.91 45.60 -28.26
C SER A 72 16.81 44.16 -27.73
N PRO A 73 17.02 43.19 -28.61
CA PRO A 73 16.97 41.79 -28.18
C PRO A 73 17.96 41.47 -27.07
N TYR A 74 19.11 42.14 -27.06
CA TYR A 74 20.13 41.89 -26.04
C TYR A 74 19.63 42.34 -24.69
N ASP A 75 19.07 43.54 -24.63
CA ASP A 75 18.51 44.08 -23.38
C ASP A 75 17.27 43.28 -22.95
N PHE A 76 16.42 42.91 -23.90
CA PHE A 76 15.22 42.17 -23.60
C PHE A 76 15.55 40.80 -22.99
N THR A 77 16.39 40.03 -23.68
CA THR A 77 16.75 38.68 -23.23
C THR A 77 17.51 38.70 -21.90
N THR A 78 18.43 39.64 -21.74
CA THR A 78 19.16 39.74 -20.46
C THR A 78 18.19 39.99 -19.30
N ALA A 79 17.22 40.87 -19.52
CA ALA A 79 16.23 41.19 -18.50
C ALA A 79 15.35 39.99 -18.18
N VAL A 80 14.79 39.35 -19.19
CA VAL A 80 13.83 38.28 -18.92
C VAL A 80 14.56 37.08 -18.35
N ALA A 81 15.76 36.79 -18.87
CA ALA A 81 16.59 35.73 -18.30
C ALA A 81 16.81 35.97 -16.81
N GLY A 82 17.05 37.23 -16.44
CA GLY A 82 17.21 37.63 -15.05
C GLY A 82 15.99 37.34 -14.21
N GLU A 83 14.81 37.47 -14.81
CA GLU A 83 13.56 37.14 -14.15
C GLU A 83 13.45 35.65 -13.90
N PHE A 84 13.81 34.84 -14.90
CA PHE A 84 13.85 33.39 -14.71
C PHE A 84 14.82 33.01 -13.58
N LYS A 85 16.04 33.53 -13.61
CA LYS A 85 17.04 33.23 -12.56
C LYS A 85 16.52 33.57 -11.16
N LYS A 86 15.93 34.75 -11.04
CA LYS A 86 15.39 35.23 -9.76
C LYS A 86 14.23 34.34 -9.29
N PHE A 88 13.70 31.23 -10.10
CA PHE A 88 14.24 29.95 -9.66
C PHE A 88 15.03 30.04 -8.35
N GLU A 89 15.72 31.15 -8.10
CA GLU A 89 16.35 31.36 -6.79
C GLU A 89 15.27 31.35 -5.71
N GLN A 90 14.17 32.03 -5.97
CA GLN A 90 13.12 32.14 -4.98
C GLN A 90 12.44 30.79 -4.68
N MET A 91 12.35 29.92 -5.69
CA MET A 91 11.72 28.62 -5.52
C MET A 91 12.62 27.66 -4.73
N ASP A 92 13.87 28.04 -4.52
CA ASP A 92 14.74 27.32 -3.62
C ASP A 92 15.05 25.93 -4.16
N TYR A 93 15.44 25.88 -5.44
CA TYR A 93 15.90 24.65 -6.07
C TYR A 93 17.38 24.44 -5.77
N SER A 94 17.89 23.28 -6.19
CA SER A 94 19.31 22.98 -6.11
C SER A 94 19.81 22.56 -7.50
N ILE A 95 19.71 23.51 -8.44
CA ILE A 95 20.14 23.29 -9.81
C ILE A 95 21.60 23.68 -9.90
N ASP A 96 22.40 22.91 -10.63
CA ASP A 96 23.85 23.14 -10.66
C ASP A 96 24.30 24.21 -11.64
N TYR A 97 23.54 24.40 -12.71
CA TYR A 97 23.85 25.45 -13.68
C TYR A 97 22.63 25.96 -14.43
N PHE A 98 22.66 27.26 -14.74
CA PHE A 98 21.65 27.93 -15.52
C PHE A 98 22.29 28.35 -16.85
N ILE A 99 21.89 27.72 -17.96
CA ILE A 99 22.51 27.98 -19.25
C ILE A 99 21.65 28.93 -20.11
N ARG A 100 22.32 29.83 -20.82
CA ARG A 100 21.67 30.77 -21.73
C ARG A 100 22.20 30.55 -23.13
N THR A 101 21.32 30.47 -24.13
CA THR A 101 21.78 30.18 -25.48
C THR A 101 22.57 31.32 -26.13
N THR A 102 22.52 32.52 -25.54
CA THR A 102 23.36 33.64 -25.99
C THR A 102 24.80 33.48 -25.53
N ASN A 103 25.04 32.52 -24.65
CA ASN A 103 26.39 32.21 -24.20
C ASN A 103 27.30 31.87 -25.36
N GLU A 104 28.46 32.52 -25.37
CA GLU A 104 29.45 32.37 -26.42
C GLU A 104 29.97 30.95 -26.55
N GLN A 105 30.11 30.23 -25.44
CA GLN A 105 30.58 28.84 -25.47
C GLN A 105 29.51 27.91 -26.03
N HIS A 106 28.23 28.18 -25.75
CA HIS A 106 27.15 27.42 -26.39
C HIS A 106 27.16 27.57 -27.91
N LYS A 107 27.41 28.80 -28.37
CA LYS A 107 27.42 29.07 -29.80
C LYS A 107 28.50 28.26 -30.47
N ALA A 108 29.67 28.18 -29.83
CA ALA A 108 30.77 27.34 -30.32
C ALA A 108 30.36 25.87 -30.43
N VAL A 109 29.62 25.39 -29.45
CA VAL A 109 29.19 23.98 -29.44
C VAL A 109 28.17 23.70 -30.55
N VAL A 110 27.27 24.65 -30.77
CA VAL A 110 26.31 24.57 -31.88
C VAL A 110 27.01 24.50 -33.25
N LYS A 111 27.98 25.38 -33.48
CA LYS A 111 28.72 25.38 -34.75
C LYS A 111 29.46 24.06 -34.96
N GLU A 112 30.06 23.57 -33.88
CA GLU A 112 30.75 22.29 -33.88
C GLU A 112 29.79 21.16 -34.26
N LEU A 113 28.63 21.11 -33.63
CA LEU A 113 27.64 20.08 -33.94
C LEU A 113 27.14 20.20 -35.37
N TRP A 114 26.82 21.42 -35.79
CA TRP A 114 26.36 21.65 -37.15
C TRP A 114 27.34 21.05 -38.14
N THR A 115 28.61 21.36 -37.91
CA THR A 115 29.68 20.95 -38.80
C THR A 115 29.79 19.45 -38.81
N LYS A 116 29.57 18.80 -37.67
CA LYS A 116 29.56 17.35 -37.62
C LYS A 116 28.43 16.76 -38.48
N LEU A 117 27.22 17.32 -38.35
CA LEU A 117 26.09 16.84 -39.13
C LEU A 117 26.37 17.00 -40.62
N GLU A 118 27.00 18.12 -40.98
CA GLU A 118 27.32 18.43 -42.37
C GLU A 118 28.42 17.50 -42.89
N GLN A 119 29.48 17.32 -42.12
CA GLN A 119 30.56 16.41 -42.50
C GLN A 119 30.05 14.98 -42.68
N LYS A 120 29.06 14.62 -41.89
CA LYS A 120 28.43 13.30 -41.98
C LYS A 120 27.61 13.08 -43.25
N GLY A 121 27.31 14.15 -43.98
CA GLY A 121 26.54 14.06 -45.22
C GLY A 121 25.05 14.27 -44.99
N ASP A 122 24.65 14.66 -43.78
CA ASP A 122 23.23 14.72 -43.44
C ASP A 122 22.58 16.10 -43.53
N ILE A 123 23.28 17.07 -44.08
CA ILE A 123 22.73 18.40 -44.27
C ILE A 123 22.93 18.85 -45.72
N TYR A 124 21.85 19.22 -46.39
CA TYR A 124 21.91 19.68 -47.78
C TYR A 124 21.08 20.93 -47.92
N LEU A 125 21.29 21.66 -49.01
CA LEU A 125 20.57 22.87 -49.27
C LEU A 125 19.31 22.47 -50.02
N GLY A 126 18.15 22.80 -49.44
CA GLY A 126 16.85 22.46 -50.03
C GLY A 126 15.86 23.60 -49.87
N ARG A 127 14.58 23.25 -49.83
CA ARG A 127 13.50 24.22 -49.57
C ARG A 127 12.51 23.67 -48.57
N TYR A 128 12.00 24.54 -47.71
CA TYR A 128 10.79 24.25 -47.00
C TYR A 128 9.71 25.15 -47.58
N GLU A 129 8.58 24.54 -47.93
CA GLU A 129 7.38 25.24 -48.35
C GLU A 129 6.24 24.62 -47.59
N GLY A 130 5.74 25.33 -46.59
CA GLY A 130 4.75 24.75 -45.70
C GLY A 130 4.41 25.64 -44.51
N TRP A 131 3.64 25.09 -43.59
CA TRP A 131 3.16 25.87 -42.48
C TRP A 131 4.20 25.90 -41.37
N TYR A 132 4.22 26.99 -40.64
CA TYR A 132 5.11 27.21 -39.53
C TYR A 132 4.36 27.94 -38.42
N SER A 133 4.52 27.48 -37.18
CA SER A 133 4.00 28.19 -36.00
C SER A 133 5.16 28.92 -35.36
N ILE A 134 5.15 30.24 -35.47
CA ILE A 134 6.24 31.04 -34.90
C ILE A 134 6.26 30.90 -33.39
N SER A 135 5.08 30.82 -32.79
CA SER A 135 4.97 30.75 -31.35
C SER A 135 5.56 29.45 -30.77
N ASP A 136 5.44 28.36 -31.52
CA ASP A 136 6.03 27.06 -31.12
C ASP A 136 7.36 26.78 -31.84
N GLU A 137 7.75 27.69 -32.74
CA GLU A 137 8.91 27.50 -33.61
C GLU A 137 8.89 26.11 -34.24
N SER A 138 7.73 25.75 -34.77
CA SER A 138 7.46 24.38 -35.16
C SER A 138 6.95 24.30 -36.59
N PHE A 139 7.53 23.40 -37.36
CA PHE A 139 7.04 23.09 -38.69
C PHE A 139 5.84 22.16 -38.58
N LEU A 140 4.82 22.44 -39.40
CA LEU A 140 3.56 21.73 -39.33
C LEU A 140 3.06 21.34 -40.71
N THR A 141 2.49 20.14 -40.79
CA THR A 141 1.87 19.64 -42.02
C THR A 141 0.45 20.20 -42.07
N PRO A 142 -0.20 20.14 -43.24
CA PRO A 142 -1.61 20.62 -43.31
C PRO A 142 -2.58 19.85 -42.41
N GLN A 143 -2.24 18.59 -42.10
CA GLN A 143 -3.02 17.78 -41.18
C GLN A 143 -3.03 18.36 -39.76
N ASN A 144 -2.00 19.14 -39.42
CA ASN A 144 -1.87 19.73 -38.07
C ASN A 144 -2.25 21.19 -37.93
N ILE A 145 -2.99 21.72 -38.90
CA ILE A 145 -3.54 23.07 -38.81
C ILE A 145 -5.04 23.03 -39.08
N THR A 146 -5.72 24.11 -38.71
CA THR A 146 -7.16 24.27 -38.93
C THR A 146 -7.51 25.75 -38.92
N ASP A 147 -8.78 26.06 -39.11
CA ASP A 147 -9.26 27.45 -39.16
C ASP A 147 -9.38 28.10 -37.79
N GLY A 148 -9.05 29.39 -37.71
CA GLY A 148 -9.23 30.16 -36.49
C GLY A 148 -9.28 31.66 -36.76
N VAL A 149 -9.12 32.44 -35.70
CA VAL A 149 -9.10 33.90 -35.81
C VAL A 149 -7.84 34.47 -35.17
N ASP A 150 -7.36 35.59 -35.72
CA ASP A 150 -6.08 36.18 -35.31
C ASP A 150 -6.27 37.29 -34.26
N LYS A 151 -5.18 37.97 -33.91
CA LYS A 151 -5.22 39.14 -33.02
C LYS A 151 -6.32 40.15 -33.35
N ASP A 152 -6.72 40.24 -34.62
CA ASP A 152 -7.80 41.15 -35.06
C ASP A 152 -9.19 40.53 -35.12
N GLY A 153 -9.28 39.21 -34.92
CA GLY A 153 -10.54 38.48 -35.15
C GLY A 153 -10.83 38.21 -36.62
N ASN A 154 -9.79 38.26 -37.46
CA ASN A 154 -9.93 37.92 -38.88
C ASN A 154 -9.66 36.43 -39.10
N PRO A 155 -10.24 35.84 -40.17
CA PRO A 155 -10.03 34.43 -40.45
C PRO A 155 -8.58 34.14 -40.83
N CYS A 156 -8.03 33.07 -40.26
CA CYS A 156 -6.65 32.66 -40.51
C CYS A 156 -6.49 31.18 -40.20
N LYS A 157 -5.27 30.66 -40.29
CA LYS A 157 -5.00 29.29 -39.91
C LYS A 157 -4.31 29.24 -38.56
N VAL A 158 -4.59 28.20 -37.79
CA VAL A 158 -3.95 27.99 -36.49
C VAL A 158 -3.46 26.55 -36.30
N SER A 159 -2.56 26.35 -35.36
CA SER A 159 -2.08 25.02 -35.01
C SER A 159 -3.18 24.23 -34.30
N LEU A 160 -3.42 22.99 -34.72
CA LEU A 160 -4.29 22.10 -33.94
C LEU A 160 -3.66 21.75 -32.58
N GLU A 161 -2.34 21.73 -32.53
CA GLU A 161 -1.63 21.43 -31.28
C GLU A 161 -1.78 22.54 -30.23
N SER A 162 -1.47 23.77 -30.61
CA SER A 162 -1.35 24.86 -29.65
C SER A 162 -2.39 25.96 -29.82
N GLY A 163 -3.08 25.98 -30.95
CA GLY A 163 -4.03 27.05 -31.25
C GLY A 163 -3.43 28.37 -31.71
N HIS A 164 -2.09 28.44 -31.76
CA HIS A 164 -1.41 29.65 -32.22
C HIS A 164 -1.50 29.81 -33.74
N VAL A 165 -1.41 31.06 -34.17
CA VAL A 165 -1.49 31.42 -35.58
C VAL A 165 -0.34 30.79 -36.35
N VAL A 166 -0.64 30.20 -37.50
CA VAL A 166 0.39 29.69 -38.39
C VAL A 166 0.53 30.54 -39.64
N THR A 167 1.70 30.46 -40.26
CA THR A 167 1.98 31.19 -41.48
C THR A 167 2.71 30.28 -42.43
N TRP A 168 2.50 30.53 -43.72
CA TRP A 168 3.09 29.75 -44.76
C TRP A 168 4.47 30.30 -45.08
N VAL A 169 5.46 29.42 -45.01
CA VAL A 169 6.85 29.76 -45.25
C VAL A 169 7.27 29.11 -46.56
N SER A 170 8.02 29.85 -47.37
CA SER A 170 8.61 29.31 -48.59
C SER A 170 10.01 29.87 -48.70
N GLU A 171 10.99 29.04 -48.39
CA GLU A 171 12.36 29.52 -48.26
C GLU A 171 13.32 28.44 -48.64
N GLU A 172 14.38 28.85 -49.32
CA GLU A 172 15.56 28.01 -49.46
C GLU A 172 16.19 27.87 -48.07
N ASN A 173 16.29 26.65 -47.58
CA ASN A 173 16.82 26.36 -46.23
C ASN A 173 17.77 25.18 -46.30
N TYR A 174 18.72 25.12 -45.37
CA TYR A 174 19.49 23.90 -45.12
C TYR A 174 18.57 22.85 -44.48
N MET A 175 18.61 21.63 -45.00
CA MET A 175 17.74 20.57 -44.56
C MET A 175 18.56 19.45 -43.92
N PHE A 176 18.10 18.92 -42.79
CA PHE A 176 18.70 17.74 -42.16
C PHE A 176 17.94 16.52 -42.65
N ARG A 177 18.66 15.44 -42.98
CA ARG A 177 18.07 14.23 -43.59
C ARG A 177 17.34 13.35 -42.58
N LEU A 178 16.33 13.91 -41.91
CA LEU A 178 15.62 13.21 -40.86
C LEU A 178 14.90 11.95 -41.38
N SER A 179 14.46 11.98 -42.63
CA SER A 179 13.83 10.84 -43.28
C SER A 179 14.70 9.59 -43.23
N ALA A 180 16.02 9.78 -43.27
CA ALA A 180 16.98 8.65 -43.24
C ALA A 180 17.15 7.99 -41.86
N PHE A 181 16.51 8.52 -40.82
CA PHE A 181 16.70 8.03 -39.45
C PHE A 181 15.47 7.30 -38.90
N ARG A 182 14.46 7.09 -39.74
CA ARG A 182 13.30 6.34 -39.33
C ARG A 182 13.66 5.01 -38.66
N GLU A 183 14.36 4.13 -39.36
CA GLU A 183 14.65 2.79 -38.84
C GLU A 183 15.50 2.79 -37.59
N ARG A 184 16.54 3.62 -37.55
CA ARG A 184 17.40 3.69 -36.39
C ARG A 184 16.65 4.21 -35.17
N LEU A 185 15.76 5.18 -35.37
CA LEU A 185 14.91 5.67 -34.30
C LEU A 185 14.00 4.57 -33.78
N LEU A 186 13.32 3.85 -34.69
CA LEU A 186 12.45 2.76 -34.27
C LEU A 186 13.24 1.68 -33.52
N GLU A 187 14.43 1.33 -34.01
CA GLU A 187 15.29 0.37 -33.31
C GLU A 187 15.66 0.86 -31.92
N TRP A 188 15.89 2.16 -31.76
CA TRP A 188 16.19 2.73 -30.45
C TRP A 188 14.99 2.63 -29.48
N TYR A 189 13.80 3.01 -29.95
CA TYR A 189 12.60 2.99 -29.12
C TYR A 189 12.32 1.58 -28.61
N HIS A 190 12.46 0.60 -29.48
CA HIS A 190 12.16 -0.79 -29.14
C HIS A 190 13.22 -1.45 -28.29
N ALA A 191 14.49 -1.16 -28.53
CA ALA A 191 15.55 -1.71 -27.69
C ALA A 191 15.54 -1.08 -26.30
N ASN A 192 14.87 0.07 -26.15
CA ASN A 192 14.79 0.74 -24.86
C ASN A 192 13.35 1.14 -24.54
N PRO A 193 12.51 0.16 -24.18
CA PRO A 193 11.09 0.42 -24.00
C PRO A 193 10.73 1.21 -22.74
N GLY A 194 11.73 1.61 -21.95
CA GLY A 194 11.50 2.57 -20.90
C GLY A 194 12.08 3.94 -21.17
N CYS A 195 12.52 4.20 -22.41
CA CYS A 195 13.24 5.44 -22.72
C CYS A 195 12.36 6.68 -22.83
N ILE A 196 11.05 6.50 -22.95
CA ILE A 196 10.10 7.61 -22.95
C ILE A 196 8.99 7.31 -21.97
N VAL A 197 8.70 8.27 -21.09
CA VAL A 197 7.75 8.11 -20.01
C VAL A 197 6.81 9.33 -20.04
N PRO A 198 5.52 9.12 -19.81
CA PRO A 198 4.82 7.86 -19.61
C PRO A 198 4.67 7.05 -20.89
N GLU A 199 4.27 5.81 -20.72
CA GLU A 199 4.24 4.84 -21.79
C GLU A 199 3.36 5.25 -22.97
N PHE A 200 2.22 5.89 -22.72
CA PHE A 200 1.33 6.26 -23.83
C PHE A 200 1.98 7.34 -24.72
N ARG A 201 2.81 8.20 -24.14
CA ARG A 201 3.58 9.17 -24.92
C ARG A 201 4.66 8.49 -25.72
N ARG A 202 5.25 7.44 -25.15
CA ARG A 202 6.17 6.63 -25.93
C ARG A 202 5.49 6.00 -27.16
N ARG A 203 4.30 5.43 -26.97
CA ARG A 203 3.55 4.84 -28.08
C ARG A 203 3.23 5.87 -29.16
N GLU A 204 2.89 7.09 -28.73
CA GLU A 204 2.65 8.19 -29.66
C GLU A 204 3.86 8.49 -30.55
N VAL A 205 5.05 8.54 -29.95
CA VAL A 205 6.25 8.81 -30.72
C VAL A 205 6.47 7.72 -31.74
N ILE A 206 6.33 6.47 -31.31
CA ILE A 206 6.54 5.33 -32.21
C ILE A 206 5.57 5.37 -33.37
N ARG A 207 4.29 5.67 -33.10
CA ARG A 207 3.27 5.75 -34.15
C ARG A 207 3.66 6.81 -35.19
N ALA A 208 4.09 7.97 -34.72
CA ALA A 208 4.47 9.06 -35.64
C ALA A 208 5.64 8.66 -36.53
N VAL A 209 6.68 8.06 -35.96
CA VAL A 209 7.87 7.73 -36.73
C VAL A 209 7.58 6.59 -37.72
N GLU A 210 6.78 5.62 -37.28
CA GLU A 210 6.30 4.55 -38.16
C GLU A 210 5.74 5.09 -39.47
N LYS A 211 4.90 6.11 -39.40
CA LYS A 211 4.30 6.72 -40.60
C LYS A 211 5.32 7.30 -41.58
N GLY A 212 6.50 7.64 -41.11
CA GLY A 212 7.54 8.21 -41.97
C GLY A 212 7.83 9.63 -41.53
N LEU A 213 9.05 10.09 -41.79
CA LEU A 213 9.48 11.41 -41.35
C LEU A 213 9.96 12.21 -42.55
N PRO A 214 9.51 13.47 -42.66
CA PRO A 214 10.05 14.32 -43.70
C PRO A 214 11.37 14.94 -43.24
N ASP A 215 12.18 15.38 -44.21
CA ASP A 215 13.41 16.09 -43.89
C ASP A 215 13.07 17.41 -43.19
N LEU A 216 13.99 17.87 -42.35
CA LEU A 216 13.71 18.93 -41.42
C LEU A 216 14.56 20.14 -41.74
N SER A 217 13.93 21.30 -41.88
CA SER A 217 14.67 22.53 -42.12
C SER A 217 15.45 22.90 -40.88
N VAL A 218 16.76 23.04 -41.01
CA VAL A 218 17.59 23.41 -39.87
C VAL A 218 18.22 24.79 -40.00
N SER A 219 17.90 25.53 -41.07
CA SER A 219 18.29 26.92 -41.20
C SER A 219 17.12 27.76 -41.67
N ARG A 220 17.24 29.08 -41.49
CA ARG A 220 16.30 30.04 -42.03
C ARG A 220 17.06 31.21 -42.63
N ALA A 221 16.47 31.88 -43.62
CA ALA A 221 17.06 33.13 -44.14
C ALA A 221 17.13 34.12 -42.99
N ARG A 222 18.23 34.86 -42.92
CA ARG A 222 18.53 35.68 -41.76
C ARG A 222 17.51 36.81 -41.52
N ALA A 223 16.98 37.39 -42.59
CA ALA A 223 15.96 38.44 -42.45
C ALA A 223 14.75 37.98 -41.63
N THR A 224 14.32 36.74 -41.85
CA THR A 224 13.12 36.20 -41.22
C THR A 224 13.24 36.17 -39.70
N LEU A 225 14.46 35.91 -39.23
CA LEU A 225 14.77 35.83 -37.80
C LEU A 225 15.23 37.17 -37.23
N HIS A 226 15.08 38.24 -38.00
CA HIS A 226 15.58 39.56 -37.59
C HIS A 226 17.03 39.47 -37.08
N ASN A 227 17.84 38.69 -37.80
CA ASN A 227 19.25 38.50 -37.45
C ASN A 227 19.53 38.26 -35.97
N TRP A 228 18.63 37.51 -35.33
CA TRP A 228 18.73 37.19 -33.92
C TRP A 228 18.84 35.68 -33.75
N ALA A 229 20.04 35.15 -34.01
CA ALA A 229 20.27 33.72 -34.11
C ALA A 229 21.75 33.44 -34.42
N ILE A 230 22.12 32.17 -34.43
CA ILE A 230 23.49 31.76 -34.63
C ILE A 230 23.73 31.55 -36.12
N PRO A 231 24.76 32.19 -36.70
CA PRO A 231 24.99 31.96 -38.11
C PRO A 231 25.37 30.55 -38.46
N VAL A 232 24.97 30.09 -39.64
CA VAL A 232 25.38 28.82 -40.18
C VAL A 232 26.86 28.90 -40.53
N PRO A 233 27.68 27.97 -40.01
CA PRO A 233 29.10 27.97 -40.36
C PRO A 233 29.24 27.90 -41.85
N GLY A 234 30.02 28.83 -42.41
CA GLY A 234 30.24 28.90 -43.84
C GLY A 234 29.11 29.50 -44.69
N ASN A 235 28.02 29.96 -44.08
CA ASN A 235 26.98 30.66 -44.85
C ASN A 235 26.33 31.76 -44.03
N PRO A 236 26.91 32.96 -44.08
CA PRO A 236 26.40 34.05 -43.26
C PRO A 236 24.98 34.55 -43.62
N ASP A 237 24.40 34.09 -44.72
CA ASP A 237 23.01 34.44 -45.05
C ASP A 237 21.95 33.57 -44.35
N HIS A 238 22.39 32.50 -43.68
CA HIS A 238 21.49 31.59 -42.99
C HIS A 238 21.77 31.59 -41.49
N VAL A 240 20.99 29.35 -37.86
CA VAL A 240 20.69 28.00 -37.40
C VAL A 240 19.31 27.94 -36.74
N TYR A 241 18.50 26.96 -37.14
CA TYR A 241 17.14 26.73 -36.57
C TYR A 241 17.20 26.82 -35.03
N VAL A 242 16.30 27.60 -34.45
CA VAL A 242 16.32 27.85 -33.01
C VAL A 242 16.26 26.53 -32.21
N TRP A 243 15.59 25.51 -32.75
CA TRP A 243 15.50 24.24 -32.05
C TRP A 243 16.76 23.40 -32.09
N LEU A 244 17.56 23.51 -33.13
CA LEU A 244 18.83 22.79 -33.16
C LEU A 244 19.81 23.47 -32.18
N ASP A 245 19.84 24.80 -32.23
CA ASP A 245 20.50 25.66 -31.26
C ASP A 245 20.09 25.28 -29.84
N ALA A 246 18.78 25.27 -29.59
CA ALA A 246 18.24 25.01 -28.25
C ALA A 246 18.56 23.61 -27.72
N LEU A 247 18.35 22.57 -28.54
CA LEU A 247 18.56 21.21 -28.07
C LEU A 247 20.03 20.99 -27.69
N THR A 248 20.91 21.66 -28.43
CA THR A 248 22.34 21.62 -28.17
C THR A 248 22.72 22.10 -26.76
N ASN A 249 21.84 22.81 -26.06
CA ASN A 249 22.16 23.26 -24.70
C ASN A 249 22.55 22.10 -23.79
N TYR A 250 21.94 20.94 -24.02
CA TYR A 250 22.20 19.77 -23.19
C TYR A 250 23.65 19.30 -23.34
N LEU A 251 24.17 19.37 -24.57
CA LEU A 251 25.55 19.01 -24.88
C LEU A 251 26.52 20.05 -24.32
N THR A 252 26.21 21.33 -24.55
CA THR A 252 26.99 22.45 -24.02
C THR A 252 27.13 22.32 -22.50
N GLY A 253 26.00 22.22 -21.82
CA GLY A 253 25.95 22.13 -20.37
C GLY A 253 26.79 20.99 -19.83
N SER A 254 26.81 19.87 -20.57
CA SER A 254 27.58 18.70 -20.18
C SER A 254 29.08 18.89 -20.36
N ARG A 255 29.47 20.03 -20.93
CA ARG A 255 30.86 20.36 -21.23
C ARG A 255 31.36 21.65 -20.57
N LEU A 256 30.55 22.24 -19.69
CA LEU A 256 30.96 23.43 -18.96
C LEU A 256 31.43 23.09 -17.56
N ARG A 257 32.65 23.51 -17.24
CA ARG A 257 33.15 23.55 -15.87
C ARG A 257 32.63 24.80 -15.19
N VAL A 258 32.01 24.62 -14.03
CA VAL A 258 31.35 25.69 -13.29
C VAL A 258 32.07 25.89 -11.95
N ASP A 259 32.30 27.15 -11.56
CA ASP A 259 32.91 27.45 -10.25
C ASP A 259 31.86 27.43 -9.12
N GLU A 260 32.23 27.85 -7.91
CA GLU A 260 31.33 27.82 -6.74
C GLU A 260 30.17 28.81 -6.92
N SER A 261 30.44 29.92 -7.61
CA SER A 261 29.45 30.96 -7.85
C SER A 261 28.33 30.53 -8.80
N GLY A 262 28.51 29.42 -9.53
CA GLY A 262 27.56 29.01 -10.57
C GLY A 262 27.88 29.65 -11.91
N LYS A 263 29.07 30.25 -11.99
CA LYS A 263 29.56 30.91 -13.20
C LYS A 263 30.34 29.88 -14.03
N GLU A 264 30.05 29.84 -15.33
CA GLU A 264 30.79 28.98 -16.26
C GLU A 264 32.19 29.56 -16.45
N VAL A 265 33.21 28.74 -16.25
CA VAL A 265 34.59 29.23 -16.39
C VAL A 265 35.33 28.61 -17.58
N SER A 266 34.77 27.58 -18.22
CA SER A 266 35.54 26.83 -19.22
C SER A 266 34.71 25.80 -19.96
N LEU A 267 34.94 25.68 -21.26
CA LEU A 267 34.32 24.68 -22.09
C LEU A 267 35.35 23.63 -22.45
N VAL A 268 35.10 22.39 -22.05
CA VAL A 268 35.98 21.27 -22.39
C VAL A 268 35.73 20.81 -23.84
N ASP A 269 36.73 20.16 -24.43
CA ASP A 269 36.69 19.79 -25.85
C ASP A 269 35.86 18.56 -26.14
N ASP A 270 35.70 17.70 -25.15
CA ASP A 270 35.13 16.37 -25.33
C ASP A 270 34.24 16.09 -24.10
N PHE A 271 32.98 15.74 -24.33
CA PHE A 271 32.03 15.46 -23.25
C PHE A 271 32.52 14.42 -22.22
N ASN A 272 33.30 13.43 -22.63
CA ASN A 272 33.77 12.39 -21.70
C ASN A 272 34.53 12.98 -20.51
N GLU A 273 35.10 14.17 -20.70
CA GLU A 273 35.91 14.78 -19.67
C GLU A 273 35.15 15.08 -18.38
N LEU A 274 33.89 15.47 -18.51
CA LEU A 274 33.07 15.80 -17.34
C LEU A 274 32.10 14.69 -16.95
N GLU A 275 31.97 13.65 -17.79
CA GLU A 275 31.23 12.41 -17.47
C GLU A 275 29.73 12.62 -17.24
N ARG A 276 29.16 13.65 -17.87
CA ARG A 276 27.73 13.94 -17.75
C ARG A 276 26.94 13.41 -18.94
N PHE A 277 27.38 13.75 -20.15
CA PHE A 277 26.64 13.37 -21.36
C PHE A 277 26.68 11.85 -21.56
N PRO A 278 25.56 11.26 -22.02
CA PRO A 278 24.27 11.87 -22.35
C PRO A 278 23.39 12.01 -21.12
N ALA A 279 22.35 12.81 -21.24
CA ALA A 279 21.40 12.96 -20.16
C ALA A 279 20.83 11.61 -19.73
N ASP A 280 20.75 11.41 -18.42
CA ASP A 280 20.06 10.28 -17.83
C ASP A 280 18.54 10.50 -17.86
N VAL A 281 18.11 11.73 -17.58
CA VAL A 281 16.71 12.11 -17.68
C VAL A 281 16.57 13.51 -18.30
N HIS A 282 15.87 13.62 -19.42
CA HIS A 282 15.45 14.90 -19.96
C HIS A 282 14.03 15.09 -19.50
N VAL A 283 13.80 16.09 -18.65
CA VAL A 283 12.45 16.47 -18.25
C VAL A 283 11.88 17.48 -19.25
N ILE A 284 10.68 17.18 -19.76
CA ILE A 284 9.99 18.10 -20.66
C ILE A 284 8.48 18.09 -20.48
N GLY A 285 7.85 19.13 -21.01
CA GLY A 285 6.41 19.11 -21.16
C GLY A 285 6.00 18.37 -22.42
N LYS A 286 4.77 17.89 -22.46
CA LYS A 286 4.25 17.13 -23.61
C LYS A 286 4.32 17.93 -24.91
N ASP A 287 4.19 19.24 -24.83
CA ASP A 287 4.25 20.11 -26.03
C ASP A 287 5.54 19.99 -26.86
N ILE A 288 6.66 19.56 -26.27
CA ILE A 288 7.94 19.54 -26.99
C ILE A 288 8.55 18.14 -27.12
N LEU A 289 7.67 17.14 -27.15
CA LEU A 289 8.07 15.76 -27.26
C LEU A 289 8.75 15.41 -28.58
N LYS A 290 8.19 15.86 -29.70
CA LYS A 290 8.77 15.52 -30.99
C LYS A 290 10.22 16.02 -31.08
N PHE A 291 10.48 17.20 -30.54
CA PHE A 291 11.82 17.78 -30.59
C PHE A 291 12.84 16.89 -29.86
N HIS A 292 12.43 16.34 -28.71
CA HIS A 292 13.33 15.59 -27.85
C HIS A 292 13.42 14.08 -28.14
N ALA A 293 12.33 13.49 -28.64
CA ALA A 293 12.23 12.04 -28.90
C ALA A 293 12.47 11.63 -30.36
N ILE A 294 12.35 12.60 -31.27
CA ILE A 294 12.58 12.37 -32.71
C ILE A 294 13.80 13.15 -33.22
N TYR A 295 13.74 14.47 -33.21
CA TYR A 295 14.85 15.28 -33.78
C TYR A 295 16.18 15.09 -33.06
N TRP A 296 16.16 15.27 -31.75
CA TRP A 296 17.36 15.23 -30.91
C TRP A 296 18.12 13.91 -31.06
N PRO A 297 17.46 12.75 -30.88
CA PRO A 297 18.24 11.51 -31.06
C PRO A 297 18.74 11.36 -32.48
N ALA A 298 17.97 11.85 -33.45
CA ALA A 298 18.43 11.80 -34.84
C ALA A 298 19.70 12.63 -35.01
N PHE A 299 19.72 13.86 -34.47
CA PHE A 299 20.93 14.69 -34.57
C PHE A 299 22.11 13.97 -33.92
N LEU A 300 21.86 13.28 -32.81
CA LEU A 300 22.90 12.59 -32.08
C LEU A 300 23.40 11.38 -32.85
N LEU A 301 22.47 10.59 -33.39
CA LEU A 301 22.87 9.48 -34.24
C LEU A 301 23.76 9.99 -35.36
N SER A 302 23.38 11.09 -36.00
CA SER A 302 24.13 11.63 -37.13
C SER A 302 25.54 12.04 -36.71
N ALA A 303 25.64 12.71 -35.57
CA ALA A 303 26.93 13.21 -35.12
C ALA A 303 27.79 12.11 -34.48
N GLY A 304 27.25 10.92 -34.28
CA GLY A 304 27.94 9.86 -33.57
C GLY A 304 28.06 10.08 -32.06
N LEU A 305 27.07 10.74 -31.47
CA LEU A 305 27.03 11.01 -30.02
C LEU A 305 26.04 10.06 -29.35
N PRO A 306 26.19 9.83 -28.03
CA PRO A 306 25.32 8.87 -27.35
C PRO A 306 23.94 9.47 -27.05
N LEU A 307 22.93 8.61 -27.01
CA LEU A 307 21.55 9.08 -26.83
C LEU A 307 21.15 9.16 -25.36
N PRO A 308 20.17 10.01 -25.05
CA PRO A 308 19.71 10.08 -23.67
C PRO A 308 19.09 8.77 -23.21
N LYS A 309 19.17 8.48 -21.92
CA LYS A 309 18.65 7.23 -21.37
C LYS A 309 17.12 7.26 -21.24
N LYS A 310 16.59 8.40 -20.80
CA LYS A 310 15.15 8.58 -20.59
C LYS A 310 14.67 10.01 -20.92
N ILE A 311 13.48 10.10 -21.48
CA ILE A 311 12.77 11.36 -21.62
C ILE A 311 11.45 11.22 -20.86
N VAL A 312 11.20 12.13 -19.92
CA VAL A 312 9.93 12.17 -19.21
C VAL A 312 9.17 13.42 -19.61
N ALA A 313 7.93 13.21 -20.04
CA ALA A 313 7.08 14.26 -20.58
C ALA A 313 5.78 14.36 -19.79
N HIS A 314 5.60 15.50 -19.15
CA HIS A 314 4.49 15.72 -18.22
C HIS A 314 3.41 16.55 -18.90
N GLY A 315 2.31 16.78 -18.19
CA GLY A 315 1.18 17.52 -18.71
C GLY A 315 1.17 19.00 -18.35
N TRP A 316 -0.01 19.60 -18.51
CA TRP A 316 -0.20 21.04 -18.42
C TRP A 316 -1.17 21.39 -17.31
N TRP A 317 -0.81 22.37 -16.49
CA TRP A 317 -1.63 22.78 -15.34
C TRP A 317 -2.78 23.74 -15.69
N THR A 318 -3.88 23.58 -14.97
CA THR A 318 -4.98 24.53 -14.97
C THR A 318 -5.13 25.07 -13.55
N LYS A 319 -6.01 26.06 -13.37
CA LYS A 319 -6.39 26.52 -12.04
C LYS A 319 -7.90 26.75 -11.98
N ASP A 320 -8.54 26.17 -10.97
CA ASP A 320 -10.00 26.20 -10.86
C ASP A 320 -10.65 25.69 -12.15
N ARG A 321 -10.10 24.61 -12.68
CA ARG A 321 -10.62 23.92 -13.87
C ARG A 321 -10.60 24.79 -15.14
N LYS A 322 -9.88 25.91 -15.10
CA LYS A 322 -9.81 26.83 -16.24
C LYS A 322 -8.35 27.12 -16.63
N LYS A 323 -8.13 27.50 -17.88
CA LYS A 323 -6.79 27.77 -18.39
C LYS A 323 -6.14 28.92 -17.64
N ILE A 324 -4.83 28.79 -17.40
CA ILE A 324 -4.06 29.82 -16.71
C ILE A 324 -3.63 30.90 -17.70
N SER A 325 -3.97 32.14 -17.39
CA SER A 325 -3.57 33.31 -18.18
C SER A 325 -3.97 34.58 -17.44
N LYS A 326 -3.05 35.53 -17.35
CA LYS A 326 -3.34 36.84 -16.73
C LYS A 326 -4.33 37.63 -17.59
N SER A 327 -4.22 37.49 -18.91
CA SER A 327 -5.11 38.16 -19.86
C SER A 327 -6.56 37.65 -19.82
N LEU A 328 -6.76 36.42 -19.34
CA LEU A 328 -8.11 35.84 -19.19
C LEU A 328 -8.72 36.03 -17.80
N GLY A 329 -7.91 36.51 -16.85
CA GLY A 329 -8.37 36.71 -15.48
C GLY A 329 -8.30 35.45 -14.61
N ASN A 330 -7.26 34.64 -14.81
CA ASN A 330 -7.02 33.47 -13.97
C ASN A 330 -5.51 33.23 -13.80
N VAL A 331 -4.94 33.88 -12.78
CA VAL A 331 -3.50 33.81 -12.57
C VAL A 331 -3.18 32.73 -11.54
N PHE A 332 -2.00 32.12 -11.70
CA PHE A 332 -1.47 31.18 -10.73
C PHE A 332 -0.01 31.54 -10.45
N ASP A 333 0.19 32.38 -9.45
CA ASP A 333 1.53 32.82 -9.04
C ASP A 333 2.12 31.87 -7.99
N PRO A 334 3.19 31.13 -8.37
CA PRO A 334 3.81 30.18 -7.43
C PRO A 334 4.34 30.82 -6.15
N VAL A 335 5.06 31.94 -6.29
CA VAL A 335 5.63 32.61 -5.13
C VAL A 335 4.53 33.11 -4.18
N GLU A 336 3.46 33.67 -4.73
CA GLU A 336 2.31 34.10 -3.93
C GLU A 336 1.74 32.93 -3.12
N LYS A 337 1.53 31.81 -3.81
CA LYS A 337 1.01 30.59 -3.19
C LYS A 337 1.98 29.97 -2.18
N ALA A 338 3.27 30.02 -2.50
CA ALA A 338 4.30 29.50 -1.61
C ALA A 338 4.42 30.37 -0.35
N GLU A 339 4.32 31.68 -0.52
CA GLU A 339 4.31 32.60 0.62
C GLU A 339 3.14 32.35 1.54
N GLU A 340 1.98 31.98 0.98
CA GLU A 340 0.80 31.75 1.81
C GLU A 340 0.79 30.37 2.48
N PHE A 341 1.16 29.35 1.73
CA PHE A 341 1.01 27.96 2.19
C PHE A 341 2.34 27.26 2.54
N GLY A 342 3.46 27.80 2.05
CA GLY A 342 4.78 27.19 2.27
C GLY A 342 5.39 26.71 0.96
N TYR A 343 6.70 26.84 0.85
CA TYR A 343 7.43 26.41 -0.33
C TYR A 343 7.42 24.89 -0.48
N ASP A 344 7.80 24.17 0.55
CA ASP A 344 7.80 22.71 0.48
C ASP A 344 6.38 22.19 0.28
N ALA A 345 5.41 22.79 0.96
CA ALA A 345 4.02 22.38 0.83
C ALA A 345 3.48 22.57 -0.59
N LEU A 346 3.82 23.70 -1.22
CA LEU A 346 3.43 23.94 -2.61
C LEU A 346 4.08 22.94 -3.56
N LYS A 347 5.36 22.63 -3.32
CA LYS A 347 6.04 21.63 -4.14
C LYS A 347 5.41 20.26 -3.94
N TYR A 348 5.17 19.89 -2.69
CA TYR A 348 4.48 18.64 -2.40
C TYR A 348 3.19 18.53 -3.20
N PHE A 349 2.39 19.59 -3.15
CA PHE A 349 1.11 19.56 -3.83
C PHE A 349 1.28 19.35 -5.33
N LEU A 350 2.17 20.12 -5.95
CA LEU A 350 2.36 20.02 -7.41
C LEU A 350 2.83 18.63 -7.83
N LEU A 351 3.63 18.00 -6.98
CA LEU A 351 4.17 16.69 -7.26
C LEU A 351 3.25 15.54 -6.88
N ARG A 352 2.34 15.79 -5.94
CA ARG A 352 1.41 14.77 -5.45
C ARG A 352 0.07 14.81 -6.18
N GLU A 353 -0.39 16.01 -6.52
CA GLU A 353 -1.74 16.16 -7.04
C GLU A 353 -1.92 15.45 -8.38
N SER A 354 -0.87 15.41 -9.19
CA SER A 354 -0.97 14.91 -10.54
C SER A 354 0.23 14.05 -10.95
N GLY A 355 -0.05 13.03 -11.74
CA GLY A 355 1.02 12.25 -12.37
C GLY A 355 1.44 12.92 -13.68
N PHE A 356 2.49 12.38 -14.29
CA PHE A 356 3.01 12.92 -15.56
C PHE A 356 2.05 12.71 -16.73
N SER A 357 1.15 11.74 -16.63
CA SER A 357 0.21 11.47 -17.72
C SER A 357 -1.04 12.36 -17.64
N ASP A 358 -1.10 13.22 -16.63
CA ASP A 358 -2.30 14.01 -16.35
C ASP A 358 -2.02 15.50 -16.52
N ASP A 359 -3.09 16.23 -16.79
CA ASP A 359 -3.08 17.68 -16.72
C ASP A 359 -3.61 18.07 -15.35
N GLY A 360 -2.69 18.41 -14.45
CA GLY A 360 -3.04 18.73 -13.07
C GLY A 360 -3.95 19.94 -12.96
N ASP A 361 -4.67 20.03 -11.85
CA ASP A 361 -5.51 21.18 -11.55
C ASP A 361 -5.25 21.71 -10.14
N TYR A 362 -4.83 22.97 -10.05
CA TYR A 362 -4.68 23.63 -8.76
C TYR A 362 -5.98 24.33 -8.33
N SER A 363 -6.35 24.14 -7.06
CA SER A 363 -7.33 25.00 -6.41
C SER A 363 -6.91 25.17 -4.96
N ASP A 364 -7.24 26.32 -4.37
CA ASP A 364 -6.92 26.58 -2.96
C ASP A 364 -7.59 25.56 -2.04
N LYS A 365 -8.81 25.16 -2.39
CA LYS A 365 -9.52 24.11 -1.68
C LYS A 365 -8.66 22.85 -1.54
N ASN A 366 -8.15 22.37 -2.68
CA ASN A 366 -7.41 21.12 -2.75
C ASN A 366 -6.01 21.22 -2.17
N MET A 367 -5.39 22.38 -2.34
CA MET A 367 -4.09 22.65 -1.72
C MET A 367 -4.23 22.56 -0.20
N ILE A 368 -5.31 23.12 0.35
CA ILE A 368 -5.54 23.10 1.78
C ILE A 368 -5.91 21.70 2.28
N ALA A 369 -6.65 20.94 1.46
CA ALA A 369 -7.00 19.57 1.79
C ALA A 369 -5.75 18.70 1.91
N ARG A 370 -4.83 18.81 0.96
CA ARG A 370 -3.57 18.07 1.03
C ARG A 370 -2.64 18.55 2.16
N LEU A 371 -2.51 19.86 2.30
CA LEU A 371 -1.71 20.42 3.38
C LEU A 371 -2.19 19.92 4.74
N ASN A 372 -3.48 20.13 5.02
CA ASN A 372 -4.09 19.68 6.27
C ASN A 372 -4.09 18.16 6.44
N GLY A 373 -4.60 17.44 5.45
CA GLY A 373 -4.77 15.98 5.53
C GLY A 373 -3.46 15.20 5.53
N GLU A 374 -2.57 15.50 4.59
CA GLU A 374 -1.34 14.73 4.46
C GLU A 374 -0.17 15.33 5.26
N LEU A 375 0.15 16.59 5.01
CA LEU A 375 1.33 17.17 5.64
C LEU A 375 1.17 17.41 7.13
N ALA A 376 0.07 18.02 7.54
CA ALA A 376 -0.16 18.34 8.96
C ALA A 376 -0.67 17.13 9.75
N ASP A 377 -1.76 16.51 9.28
CA ASP A 377 -2.43 15.42 10.04
C ASP A 377 -1.70 14.09 9.99
N THR A 378 -1.07 13.77 8.86
CA THR A 378 -0.35 12.50 8.72
C THR A 378 1.10 12.67 9.15
N LEU A 379 1.88 13.44 8.39
CA LEU A 379 3.30 13.62 8.67
C LEU A 379 3.57 14.45 9.95
N GLY A 380 3.06 15.67 10.00
CA GLY A 380 3.33 16.56 11.13
C GLY A 380 2.88 16.04 12.48
N ASN A 381 1.68 15.48 12.55
CA ASN A 381 1.14 14.90 13.78
C ASN A 381 2.08 13.84 14.34
N LEU A 382 2.52 12.97 13.47
CA LEU A 382 3.39 11.86 13.82
C LEU A 382 4.74 12.32 14.36
N VAL A 383 5.30 13.37 13.76
CA VAL A 383 6.57 13.93 14.20
C VAL A 383 6.43 14.53 15.61
N MET A 384 5.32 15.23 15.85
CA MET A 384 5.05 15.82 17.16
C MET A 384 4.86 14.72 18.21
N ARG A 385 4.07 13.70 17.89
CA ARG A 385 3.82 12.60 18.83
C ARG A 385 5.10 11.94 19.35
N CYS A 386 5.98 11.53 18.46
CA CYS A 386 7.16 10.77 18.87
C CYS A 386 8.30 11.64 19.42
N THR A 387 8.16 12.97 19.36
CA THR A 387 9.15 13.89 19.95
C THR A 387 8.61 14.61 21.20
N SER A 388 7.31 14.46 21.46
CA SER A 388 6.64 15.04 22.61
C SER A 388 7.27 14.60 23.93
N ALA A 389 7.45 15.54 24.86
CA ALA A 389 8.02 15.26 26.17
C ALA A 389 7.04 14.47 27.06
N LYS A 390 5.76 14.58 26.73
CA LYS A 390 4.70 13.81 27.35
C LYS A 390 4.84 12.31 27.01
N ILE A 391 5.20 12.00 25.77
CA ILE A 391 5.30 10.61 25.29
C ILE A 391 6.74 10.08 25.33
N ASN A 392 7.67 10.86 24.80
CA ASN A 392 9.09 10.54 24.86
C ASN A 392 9.71 11.28 26.04
N VAL A 393 9.53 10.73 27.24
CA VAL A 393 9.90 11.44 28.47
C VAL A 393 11.39 11.73 28.61
N ASN A 394 12.25 10.89 28.08
CA ASN A 394 13.70 11.10 28.19
C ASN A 394 14.30 11.88 27.02
N GLY A 395 13.49 12.22 26.03
CA GLY A 395 13.96 12.98 24.88
C GLY A 395 15.05 12.27 24.11
N GLU A 396 14.83 10.99 23.80
CA GLU A 396 15.86 10.18 23.16
C GLU A 396 15.25 9.05 22.33
N TRP A 397 16.09 8.38 21.57
CA TRP A 397 15.69 7.18 20.85
C TRP A 397 15.81 6.04 21.84
N PRO A 398 14.68 5.42 22.22
CA PRO A 398 14.77 4.37 23.20
C PRO A 398 15.31 3.10 22.61
N SER A 399 15.75 2.22 23.49
CA SER A 399 16.20 0.90 23.12
C SER A 399 14.97 -0.03 23.04
N PRO A 400 14.68 -0.61 21.87
CA PRO A 400 13.46 -1.42 21.83
C PRO A 400 13.59 -2.72 22.62
N ALA A 401 12.47 -3.22 23.12
CA ALA A 401 12.39 -4.57 23.67
C ALA A 401 11.83 -5.49 22.57
N ALA A 402 11.29 -6.63 22.98
CA ALA A 402 10.88 -7.65 22.01
C ALA A 402 9.75 -7.16 21.13
N TYR A 403 9.88 -7.43 19.84
CA TYR A 403 8.88 -7.05 18.85
C TYR A 403 7.75 -8.07 18.81
N THR A 404 6.51 -7.58 18.80
CA THR A 404 5.32 -8.41 18.51
C THR A 404 5.16 -8.57 17.01
N GLU A 405 4.21 -9.42 16.61
CA GLU A 405 3.92 -9.63 15.19
C GLU A 405 3.42 -8.35 14.52
N GLU A 406 2.57 -7.60 15.23
CA GLU A 406 2.10 -6.32 14.75
C GLU A 406 3.27 -5.34 14.59
N ASP A 407 4.16 -5.28 15.57
CA ASP A 407 5.39 -4.46 15.45
C ASP A 407 6.11 -4.82 14.18
N GLU A 408 6.29 -6.11 13.95
CA GLU A 408 7.07 -6.58 12.81
C GLU A 408 6.39 -6.34 11.47
N SER A 409 5.05 -6.37 11.42
CA SER A 409 4.36 -6.07 10.17
C SER A 409 4.64 -4.62 9.75
N LEU A 410 4.78 -3.72 10.72
CA LEU A 410 5.09 -2.32 10.43
C LEU A 410 6.57 -2.15 10.06
N ILE A 411 7.43 -2.83 10.81
CA ILE A 411 8.84 -2.87 10.47
C ILE A 411 9.02 -3.33 9.01
N GLN A 412 8.25 -4.33 8.60
CA GLN A 412 8.39 -4.84 7.24
C GLN A 412 8.05 -3.79 6.19
N LEU A 413 7.00 -3.01 6.42
CA LEU A 413 6.65 -1.94 5.50
C LEU A 413 7.76 -0.89 5.42
N ILE A 414 8.35 -0.57 6.57
CA ILE A 414 9.43 0.40 6.61
C ILE A 414 10.68 -0.10 5.87
N LYS A 415 11.01 -1.38 6.04
CA LYS A 415 12.16 -1.97 5.35
C LYS A 415 11.96 -2.09 3.84
N ASP A 416 10.74 -2.38 3.41
CA ASP A 416 10.42 -2.49 2.01
C ASP A 416 10.32 -1.13 1.31
N LEU A 417 10.03 -0.08 2.07
CA LEU A 417 9.71 1.20 1.46
C LEU A 417 10.82 1.78 0.55
N PRO A 418 12.10 1.76 0.99
CA PRO A 418 13.17 2.33 0.15
C PRO A 418 13.30 1.68 -1.23
N GLY A 419 13.24 0.36 -1.30
CA GLY A 419 13.33 -0.35 -2.58
C GLY A 419 12.23 0.11 -3.53
N THR A 420 11.05 0.30 -2.95
CA THR A 420 9.86 0.65 -3.70
C THR A 420 9.86 2.11 -4.14
N ALA A 421 10.24 3.01 -3.25
CA ALA A 421 10.31 4.43 -3.57
C ALA A 421 11.36 4.66 -4.63
N ASP A 422 12.47 3.95 -4.47
CA ASP A 422 13.57 4.00 -5.40
C ASP A 422 13.17 3.65 -6.82
N HIS A 423 12.48 2.53 -7.01
CA HIS A 423 12.03 2.15 -8.35
C HIS A 423 11.18 3.27 -8.96
N TYR A 424 10.27 3.82 -8.17
CA TYR A 424 9.41 4.91 -8.62
C TYR A 424 10.20 6.17 -8.99
N TYR A 425 11.18 6.54 -8.18
CA TYR A 425 11.99 7.73 -8.49
C TYR A 425 12.77 7.55 -9.78
N LEU A 426 13.11 6.30 -10.09
CA LEU A 426 13.93 5.97 -11.28
C LEU A 426 13.14 5.85 -12.57
N ILE A 427 11.83 5.68 -12.49
CA ILE A 427 11.04 5.50 -13.70
C ILE A 427 11.19 6.69 -14.67
N PRO A 428 11.01 7.94 -14.19
CA PRO A 428 10.56 8.45 -12.91
C PRO A 428 9.04 8.62 -12.85
N ASP A 429 8.49 8.36 -11.68
CA ASP A 429 7.10 8.59 -11.38
C ASP A 429 7.11 9.07 -9.95
N ILE A 430 7.19 10.38 -9.80
CA ILE A 430 7.39 11.00 -8.49
C ILE A 430 6.12 10.90 -7.64
N GLN A 431 4.97 11.11 -8.27
CA GLN A 431 3.70 10.94 -7.60
C GLN A 431 3.59 9.59 -6.86
N LYS A 432 3.91 8.48 -7.54
CA LYS A 432 3.84 7.16 -6.91
C LYS A 432 4.87 7.00 -5.80
N ALA A 433 6.02 7.64 -5.94
CA ALA A 433 7.01 7.60 -4.89
C ALA A 433 6.44 8.25 -3.64
N ILE A 434 5.80 9.40 -3.80
CA ILE A 434 5.20 10.11 -2.67
C ILE A 434 4.09 9.29 -2.04
N ILE A 435 3.17 8.77 -2.85
CA ILE A 435 2.08 7.94 -2.35
C ILE A 435 2.62 6.75 -1.57
N ALA A 436 3.61 6.06 -2.09
CA ALA A 436 4.19 4.92 -1.38
C ALA A 436 4.71 5.35 -0.01
N VAL A 437 5.36 6.51 0.07
CA VAL A 437 5.88 6.95 1.35
C VAL A 437 4.73 7.21 2.29
N PHE A 438 3.74 7.95 1.84
CA PHE A 438 2.60 8.29 2.70
C PHE A 438 1.71 7.09 3.07
N ASP A 439 1.69 6.03 2.25
CA ASP A 439 1.02 4.78 2.67
C ASP A 439 1.70 4.26 3.92
N VAL A 440 3.03 4.34 3.96
CA VAL A 440 3.77 3.91 5.14
C VAL A 440 3.52 4.87 6.31
N LEU A 441 3.46 6.17 6.06
CA LEU A 441 3.14 7.11 7.13
C LEU A 441 1.74 6.86 7.72
N ARG A 442 0.78 6.54 6.87
CA ARG A 442 -0.57 6.23 7.35
C ARG A 442 -0.58 4.97 8.23
N ALA A 443 0.21 3.97 7.85
CA ALA A 443 0.32 2.74 8.65
C ALA A 443 0.97 3.01 10.00
N ILE A 444 1.96 3.90 10.02
CA ILE A 444 2.65 4.21 11.27
C ILE A 444 1.67 4.89 12.21
N ASN A 445 0.91 5.86 11.69
CA ASN A 445 -0.12 6.52 12.49
C ASN A 445 -1.16 5.57 13.06
N ALA A 446 -1.65 4.66 12.24
CA ALA A 446 -2.63 3.69 12.70
C ALA A 446 -2.03 2.77 13.78
N TYR A 447 -0.76 2.41 13.63
CA TYR A 447 -0.05 1.64 14.66
C TYR A 447 0.01 2.44 15.95
N VAL A 448 0.39 3.72 15.83
CA VAL A 448 0.46 4.58 17.02
C VAL A 448 -0.89 4.71 17.71
N THR A 449 -1.95 4.85 16.91
CA THR A 449 -3.30 4.92 17.46
C THR A 449 -3.67 3.60 18.17
N ASP A 450 -3.41 2.47 17.53
CA ASP A 450 -3.61 1.17 18.18
C ASP A 450 -2.84 1.00 19.49
N MET A 451 -1.60 1.50 19.55
CA MET A 451 -0.75 1.24 20.71
C MET A 451 -0.93 2.27 21.82
N ALA A 452 -1.46 3.44 21.49
CA ALA A 452 -1.72 4.50 22.47
C ALA A 452 -0.54 4.70 23.42
N PRO A 453 0.61 5.15 22.89
CA PRO A 453 1.81 5.27 23.71
C PRO A 453 1.64 6.21 24.91
N TRP A 454 0.72 7.16 24.81
CA TRP A 454 0.40 8.07 25.91
C TRP A 454 -0.11 7.32 27.14
N LYS A 455 -0.92 6.27 26.94
CA LYS A 455 -1.28 5.35 28.01
C LYS A 455 -0.10 4.50 28.47
N LEU A 456 0.77 4.10 27.54
CA LEU A 456 1.88 3.21 27.89
C LEU A 456 2.90 3.83 28.85
N VAL A 457 3.03 5.16 28.81
CA VAL A 457 3.98 5.86 29.68
C VAL A 457 3.81 5.46 31.13
N LYS A 458 2.55 5.38 31.59
CA LYS A 458 2.24 5.01 32.97
C LYS A 458 2.15 3.49 33.15
N THR A 459 1.65 2.82 32.12
CA THR A 459 1.21 1.43 32.21
C THR A 459 2.29 0.39 31.87
N ASP A 460 3.05 0.64 30.81
CA ASP A 460 4.09 -0.29 30.39
C ASP A 460 5.25 0.44 29.71
N PRO A 461 6.15 1.04 30.52
CA PRO A 461 7.30 1.76 29.98
C PRO A 461 8.19 0.92 29.06
N GLU A 462 8.32 -0.36 29.35
CA GLU A 462 9.12 -1.26 28.51
C GLU A 462 8.50 -1.35 27.11
N ARG A 463 7.19 -1.54 27.07
CA ARG A 463 6.46 -1.62 25.81
C ARG A 463 6.53 -0.29 25.04
N LEU A 464 6.47 0.82 25.77
CA LEU A 464 6.59 2.13 25.15
C LEU A 464 7.91 2.30 24.43
N ARG A 465 9.00 1.74 24.98
CA ARG A 465 10.30 1.83 24.30
C ARG A 465 10.23 1.27 22.89
N THR A 466 9.65 0.08 22.77
CA THR A 466 9.51 -0.58 21.49
C THR A 466 8.68 0.25 20.51
N VAL A 467 7.49 0.65 20.94
CA VAL A 467 6.57 1.40 20.11
C VAL A 467 7.21 2.69 19.63
N LEU A 468 7.85 3.38 20.55
CA LEU A 468 8.44 4.69 20.30
C LEU A 468 9.63 4.60 19.36
N TYR A 469 10.45 3.57 19.52
CA TYR A 469 11.58 3.35 18.65
C TYR A 469 11.15 3.08 17.20
N ILE A 470 10.19 2.18 17.02
CA ILE A 470 9.68 1.85 15.69
C ILE A 470 9.12 3.10 15.01
N THR A 471 8.40 3.91 15.78
CA THR A 471 7.81 5.13 15.25
C THR A 471 8.88 6.12 14.78
N LEU A 472 9.84 6.40 15.65
CA LEU A 472 10.97 7.27 15.31
C LEU A 472 11.67 6.82 14.04
N GLU A 473 11.94 5.52 13.95
CA GLU A 473 12.65 4.99 12.80
C GLU A 473 11.78 5.05 11.54
N GLY A 474 10.50 4.80 11.66
CA GLY A 474 9.59 4.96 10.54
C GLY A 474 9.59 6.39 10.01
N VAL A 475 9.50 7.34 10.94
CA VAL A 475 9.51 8.76 10.60
C VAL A 475 10.80 9.15 9.94
N ARG A 476 11.92 8.64 10.45
CA ARG A 476 13.21 8.93 9.86
C ARG A 476 13.32 8.44 8.43
N VAL A 477 12.94 7.19 8.20
CA VAL A 477 13.09 6.58 6.88
C VAL A 477 12.16 7.26 5.87
N THR A 478 10.91 7.49 6.27
CA THR A 478 9.94 8.13 5.38
C THR A 478 10.38 9.56 5.04
N THR A 479 10.85 10.29 6.04
CA THR A 479 11.41 11.63 5.87
C THR A 479 12.62 11.66 4.92
N LEU A 480 13.51 10.69 5.07
CA LEU A 480 14.67 10.59 4.19
C LEU A 480 14.22 10.48 2.74
N LEU A 481 13.31 9.57 2.48
CA LEU A 481 12.78 9.36 1.14
C LEU A 481 11.95 10.52 0.63
N LEU A 482 11.36 11.30 1.54
CA LEU A 482 10.65 12.51 1.16
C LEU A 482 11.55 13.74 1.02
N SER A 483 12.86 13.62 1.33
CA SER A 483 13.69 14.83 1.39
C SER A 483 13.86 15.55 0.04
N PRO A 484 13.80 14.82 -1.08
CA PRO A 484 13.78 15.51 -2.38
C PRO A 484 12.53 16.39 -2.61
N ILE A 485 11.43 16.04 -1.96
CA ILE A 485 10.14 16.69 -2.10
C ILE A 485 9.99 17.83 -1.11
N LEU A 486 10.46 17.60 0.12
CA LEU A 486 10.35 18.55 1.21
C LEU A 486 11.76 18.83 1.72
N PRO A 487 12.57 19.53 0.91
CA PRO A 487 13.97 19.69 1.28
C PRO A 487 14.21 20.50 2.56
N ARG A 488 13.38 21.50 2.82
CA ARG A 488 13.57 22.32 4.01
C ARG A 488 12.93 21.69 5.24
N LYS A 489 11.74 21.15 5.08
CA LYS A 489 11.03 20.56 6.20
C LYS A 489 11.69 19.26 6.65
N SER A 490 12.28 18.51 5.72
CA SER A 490 12.99 17.30 6.11
C SER A 490 14.17 17.59 7.04
N VAL A 491 14.85 18.73 6.82
CA VAL A 491 15.91 19.16 7.72
C VAL A 491 15.35 19.47 9.10
N VAL A 492 14.24 20.20 9.17
CA VAL A 492 13.59 20.47 10.45
C VAL A 492 13.23 19.17 11.17
N ILE A 493 12.65 18.23 10.44
CA ILE A 493 12.28 16.96 11.02
C ILE A 493 13.49 16.24 11.59
N PHE A 494 14.54 16.12 10.78
CA PHE A 494 15.75 15.44 11.24
C PHE A 494 16.33 16.11 12.48
N ASP A 495 16.30 17.46 12.51
CA ASP A 495 16.78 18.23 13.69
C ASP A 495 15.97 17.91 14.92
N MET A 496 14.65 17.86 14.77
CA MET A 496 13.76 17.50 15.87
C MET A 496 14.04 16.08 16.35
N LEU A 497 14.32 15.17 15.42
CA LEU A 497 14.62 13.78 15.78
C LEU A 497 16.05 13.59 16.29
N GLY A 498 16.91 14.59 16.11
CA GLY A 498 18.30 14.49 16.54
C GLY A 498 19.15 13.59 15.66
N VAL A 499 18.74 13.44 14.39
CA VAL A 499 19.45 12.55 13.48
C VAL A 499 20.77 13.19 13.07
N PRO A 500 21.90 12.49 13.29
CA PRO A 500 23.18 13.10 12.94
C PRO A 500 23.32 13.28 11.44
N GLU A 501 24.10 14.29 11.04
CA GLU A 501 24.25 14.68 9.64
C GLU A 501 24.56 13.52 8.72
N VAL A 502 25.53 12.70 9.12
CA VAL A 502 25.96 11.56 8.32
C VAL A 502 24.80 10.61 7.96
N HIS A 503 23.78 10.53 8.81
CA HIS A 503 22.66 9.63 8.60
C HIS A 503 21.51 10.23 7.79
N ARG A 504 21.68 11.47 7.32
CA ARG A 504 20.64 12.16 6.54
C ARG A 504 20.76 11.95 5.03
N LYS A 505 21.79 11.22 4.60
CA LYS A 505 21.91 10.82 3.20
C LYS A 505 22.64 9.49 3.08
N GLY A 506 22.70 8.96 1.86
CA GLY A 506 23.42 7.72 1.60
C GLY A 506 22.52 6.50 1.70
N ILE A 507 22.74 5.52 0.82
CA ILE A 507 21.87 4.35 0.77
C ILE A 507 22.05 3.48 2.02
N GLU A 508 23.19 3.60 2.68
CA GLU A 508 23.39 2.93 3.97
C GLU A 508 22.28 3.28 4.94
N ASN A 509 21.78 4.51 4.85
CA ASN A 509 20.74 4.97 5.77
C ASN A 509 19.30 4.76 5.31
N PHE A 510 19.12 4.07 4.20
CA PHE A 510 17.80 3.52 3.82
C PHE A 510 17.49 2.31 4.72
N GLU A 511 18.50 1.75 5.39
CA GLU A 511 18.34 0.58 6.26
C GLU A 511 17.60 0.94 7.55
N PHE A 512 16.65 0.09 7.91
CA PHE A 512 16.00 0.17 9.20
C PHE A 512 17.08 -0.04 10.24
N GLY A 513 17.11 0.80 11.26
CA GLY A 513 18.08 0.66 12.35
C GLY A 513 19.33 1.52 12.25
N ALA A 514 19.41 2.43 11.30
CA ALA A 514 20.63 3.24 11.11
C ALA A 514 20.99 4.14 12.31
N VAL A 515 20.00 4.66 13.01
CA VAL A 515 20.23 5.57 14.12
C VAL A 515 20.14 4.81 15.45
N PRO A 516 21.22 4.87 16.26
CA PRO A 516 21.25 4.03 17.45
C PRO A 516 20.34 4.49 18.60
N PRO A 517 19.86 3.54 19.41
CA PRO A 517 19.27 3.88 20.69
C PRO A 517 20.24 4.72 21.50
N GLY A 518 19.71 5.71 22.22
CA GLY A 518 20.54 6.60 23.02
C GLY A 518 20.73 7.94 22.31
N THR A 519 20.61 7.95 20.99
CA THR A 519 20.64 9.18 20.22
C THR A 519 19.66 10.19 20.84
N ARG A 520 20.12 11.41 21.02
CA ARG A 520 19.35 12.41 21.73
C ARG A 520 18.48 13.20 20.77
N LEU A 521 17.24 13.49 21.16
CA LEU A 521 16.37 14.32 20.34
C LEU A 521 16.93 15.73 20.30
N GLY A 522 16.52 16.49 19.30
CA GLY A 522 16.93 17.88 19.19
C GLY A 522 16.17 18.71 20.19
N PRO A 523 16.56 19.98 20.33
CA PRO A 523 15.91 20.84 21.31
C PRO A 523 14.50 21.24 20.87
N ALA A 524 13.55 21.19 21.80
CA ALA A 524 12.17 21.58 21.54
C ALA A 524 12.06 23.10 21.60
N VAL A 525 11.46 23.71 20.58
CA VAL A 525 11.16 25.15 20.59
C VAL A 525 9.71 25.36 21.03
N GLU A 526 9.45 26.44 21.77
CA GLU A 526 8.11 26.72 22.32
C GLU A 526 7.15 27.24 21.24
N GLY A 527 6.04 26.52 21.04
CA GLY A 527 4.97 26.94 20.14
C GLY A 527 5.01 26.31 18.76
N GLU A 528 6.22 26.03 18.26
CA GLU A 528 6.43 25.57 16.88
C GLU A 528 5.50 24.42 16.44
N VAL A 529 5.12 24.45 15.16
CA VAL A 529 4.59 23.27 14.48
C VAL A 529 5.24 23.18 13.10
N LEU A 530 5.27 21.95 12.55
CA LEU A 530 5.88 21.69 11.26
C LEU A 530 5.09 22.27 10.10
N PHE A 531 3.82 21.88 10.03
CA PHE A 531 2.89 22.41 9.06
C PHE A 531 1.67 22.87 9.83
N SER A 532 1.37 24.16 9.80
CA SER A 532 0.18 24.67 10.47
C SER A 532 -1.00 24.57 9.53
N LYS A 533 -2.10 24.02 10.03
CA LYS A 533 -3.33 23.90 9.25
C LYS A 533 -3.86 25.27 8.89
N ARG A 534 -4.76 25.32 7.90
CA ARG A 534 -5.34 26.58 7.46
CA ARG A 534 -5.35 26.59 7.46
C ARG A 534 -6.85 26.45 7.24
N SER A 535 -7.53 27.59 7.21
CA SER A 535 -9.00 27.63 7.17
C SER A 535 -9.62 27.03 5.90
N THR A 536 -10.85 26.54 6.04
CA THR A 536 -11.65 25.99 4.92
C THR A 536 -12.90 26.85 4.69
N GLU A 537 -12.70 28.12 4.31
CA GLU A 537 -13.83 29.05 4.10
C GLU A 537 -14.59 28.71 2.82
N GLY B 1 10.70 -8.39 1.62
CA GLY B 1 11.52 -9.20 2.55
C GLY B 1 10.85 -10.54 2.81
N PRO B 2 11.61 -11.49 3.36
CA PRO B 2 11.04 -12.78 3.72
C PRO B 2 9.95 -12.66 4.77
N GLY B 3 9.02 -13.60 4.75
CA GLY B 3 8.10 -13.75 5.86
C GLY B 3 8.71 -14.64 6.92
N SER B 4 7.91 -14.97 7.93
CA SER B 4 8.36 -15.84 9.00
C SER B 4 8.46 -17.24 8.45
N MET B 5 9.34 -18.05 9.01
CA MET B 5 9.47 -19.40 8.50
C MET B 5 8.36 -20.27 9.07
N LYS B 6 8.25 -21.46 8.52
CA LYS B 6 7.27 -22.41 8.99
C LYS B 6 7.51 -22.72 10.46
N VAL B 7 6.44 -22.83 11.24
CA VAL B 7 6.54 -23.38 12.59
C VAL B 7 6.98 -24.84 12.49
N GLU B 8 7.56 -25.35 13.57
CA GLU B 8 8.02 -26.75 13.62
C GLU B 8 6.89 -27.67 14.10
N LYS B 9 6.06 -27.18 15.01
CA LYS B 9 4.96 -27.97 15.57
C LYS B 9 3.81 -28.09 14.57
N VAL B 10 2.70 -28.71 15.00
CA VAL B 10 1.48 -28.66 14.21
C VAL B 10 0.75 -27.37 14.58
N PHE B 11 0.46 -26.55 13.58
CA PHE B 11 -0.20 -25.27 13.84
C PHE B 11 -1.63 -25.53 14.30
N PHE B 12 -1.92 -25.13 15.53
CA PHE B 12 -3.13 -25.50 16.20
C PHE B 12 -3.97 -24.24 16.30
N VAL B 13 -5.12 -24.23 15.63
CA VAL B 13 -6.02 -23.08 15.64
C VAL B 13 -7.41 -23.58 15.98
N THR B 14 -8.12 -22.83 16.81
CA THR B 14 -9.42 -23.24 17.32
C THR B 14 -10.48 -22.15 17.14
N SER B 15 -11.74 -22.58 17.12
CA SER B 15 -12.87 -21.68 17.35
C SER B 15 -13.42 -21.99 18.75
N PRO B 16 -14.35 -21.16 19.24
CA PRO B 16 -15.02 -21.56 20.47
C PRO B 16 -15.89 -22.78 20.19
N ILE B 17 -16.26 -23.51 21.22
CA ILE B 17 -17.30 -24.53 21.05
C ILE B 17 -18.65 -23.85 21.32
N TYR B 18 -19.66 -24.22 20.54
CA TYR B 18 -20.91 -23.47 20.55
C TYR B 18 -22.01 -24.19 21.32
N TYR B 19 -22.90 -23.43 21.93
CA TYR B 19 -23.90 -23.98 22.80
C TYR B 19 -25.09 -24.47 22.02
N VAL B 20 -25.51 -25.70 22.30
CA VAL B 20 -26.54 -26.36 21.50
C VAL B 20 -27.98 -26.06 21.93
N ASN B 21 -28.19 -25.03 22.73
CA ASN B 21 -29.55 -24.61 23.06
C ASN B 21 -30.11 -23.64 22.02
N ALA B 22 -29.39 -23.44 20.92
CA ALA B 22 -29.94 -22.72 19.77
C ALA B 22 -29.28 -23.22 18.49
N ALA B 23 -29.97 -22.97 17.39
CA ALA B 23 -29.54 -23.42 16.07
C ALA B 23 -28.35 -22.59 15.59
N PRO B 24 -27.55 -23.14 14.66
CA PRO B 24 -26.45 -22.35 14.13
C PRO B 24 -26.96 -21.06 13.47
N HIS B 25 -26.19 -19.99 13.60
CA HIS B 25 -26.51 -18.67 13.05
C HIS B 25 -25.21 -17.97 12.62
N ILE B 26 -25.36 -16.79 12.05
CA ILE B 26 -24.25 -16.05 11.47
C ILE B 26 -23.04 -15.88 12.37
N GLY B 27 -23.27 -15.69 13.66
CA GLY B 27 -22.20 -15.57 14.64
C GLY B 27 -21.27 -16.77 14.72
N HIS B 28 -21.84 -17.96 14.74
CA HIS B 28 -21.03 -19.19 14.74
C HIS B 28 -20.27 -19.30 13.43
N VAL B 29 -20.96 -18.98 12.34
CA VAL B 29 -20.38 -19.03 10.99
C VAL B 29 -19.16 -18.12 10.91
N TYR B 30 -19.30 -16.90 11.43
CA TYR B 30 -18.22 -15.90 11.40
C TYR B 30 -17.00 -16.36 12.19
N SER B 31 -17.21 -16.78 13.44
CA SER B 31 -16.09 -17.23 14.27
C SER B 31 -15.36 -18.39 13.63
N THR B 32 -16.12 -19.35 13.12
CA THR B 32 -15.54 -20.55 12.52
C THR B 32 -14.87 -20.24 11.18
N LEU B 33 -15.40 -19.28 10.43
CA LEU B 33 -14.75 -18.78 9.21
C LEU B 33 -13.31 -18.25 9.50
N ILE B 34 -13.19 -17.43 10.53
CA ILE B 34 -11.88 -16.88 10.89
C ILE B 34 -10.94 -18.04 11.21
N THR B 35 -11.43 -19.02 11.97
CA THR B 35 -10.66 -20.19 12.31
C THR B 35 -10.25 -20.95 11.05
N ASP B 36 -11.20 -21.12 10.14
CA ASP B 36 -10.93 -21.81 8.89
C ASP B 36 -9.88 -21.12 8.03
N VAL B 37 -9.99 -19.81 7.93
CA VAL B 37 -9.06 -19.03 7.11
C VAL B 37 -7.62 -19.15 7.61
N ILE B 38 -7.45 -18.99 8.91
CA ILE B 38 -6.15 -19.06 9.52
C ILE B 38 -5.56 -20.43 9.28
N GLY B 39 -6.38 -21.45 9.39
CA GLY B 39 -5.93 -22.81 9.16
C GLY B 39 -5.53 -23.02 7.72
N ARG B 40 -6.34 -22.51 6.80
CA ARG B 40 -6.03 -22.58 5.39
C ARG B 40 -4.72 -21.86 5.05
N TYR B 41 -4.49 -20.69 5.62
CA TYR B 41 -3.27 -19.97 5.28
C TYR B 41 -2.05 -20.80 5.64
N HIS B 42 -2.08 -21.45 6.80
CA HIS B 42 -0.94 -22.22 7.24
C HIS B 42 -0.76 -23.53 6.45
N ARG B 43 -1.85 -24.14 6.00
CA ARG B 43 -1.72 -25.26 5.06
C ARG B 43 -1.07 -24.81 3.77
N VAL B 44 -1.50 -23.69 3.22
CA VAL B 44 -0.94 -23.17 1.98
C VAL B 44 0.53 -22.79 2.17
N LYS B 45 0.87 -22.33 3.36
CA LYS B 45 2.27 -22.02 3.65
C LYS B 45 3.11 -23.31 3.73
N GLY B 46 2.42 -24.45 3.82
CA GLY B 46 3.05 -25.75 3.84
C GLY B 46 3.33 -26.31 5.23
N GLU B 47 2.60 -25.83 6.23
CA GLU B 47 2.73 -26.34 7.59
C GLU B 47 1.70 -27.44 7.83
N ARG B 48 1.98 -28.29 8.82
CA ARG B 48 0.96 -29.21 9.31
C ARG B 48 0.00 -28.37 10.14
N VAL B 49 -1.30 -28.64 9.99
CA VAL B 49 -2.33 -27.87 10.66
C VAL B 49 -3.38 -28.77 11.30
N PHE B 50 -3.80 -28.39 12.51
CA PHE B 50 -4.99 -28.95 13.13
C PHE B 50 -5.95 -27.82 13.49
N ALA B 51 -7.08 -27.77 12.80
CA ALA B 51 -8.12 -26.78 13.09
C ALA B 51 -9.28 -27.44 13.80
N LEU B 52 -9.71 -26.82 14.90
CA LEU B 52 -10.68 -27.40 15.80
C LEU B 52 -11.89 -26.47 15.94
N THR B 53 -13.08 -27.09 15.99
CA THR B 53 -14.33 -26.41 16.33
C THR B 53 -15.22 -27.44 17.04
N GLY B 54 -16.42 -27.06 17.47
CA GLY B 54 -17.30 -28.03 18.12
C GLY B 54 -18.43 -27.45 18.93
N THR B 55 -19.03 -28.31 19.77
CA THR B 55 -20.23 -27.95 20.53
C THR B 55 -20.12 -28.18 22.03
N ASP B 56 -20.69 -27.26 22.79
CA ASP B 56 -20.76 -27.27 24.25
C ASP B 56 -22.15 -27.79 24.56
N GLU B 57 -22.25 -28.97 25.16
CA GLU B 57 -23.53 -29.72 25.17
C GLU B 57 -24.18 -29.97 26.54
N HIS B 58 -23.47 -29.64 27.63
CA HIS B 58 -23.97 -29.84 28.99
C HIS B 58 -24.64 -28.61 29.63
N GLY B 59 -25.23 -28.82 30.80
CA GLY B 59 -25.76 -27.74 31.61
C GLY B 59 -27.26 -27.61 31.55
N GLN B 60 -27.80 -26.86 32.51
CA GLN B 60 -29.24 -26.83 32.74
C GLN B 60 -30.08 -26.37 31.55
N LYS B 61 -29.55 -25.46 30.73
CA LYS B 61 -30.34 -24.89 29.65
C LYS B 61 -30.55 -25.87 28.50
N VAL B 62 -29.53 -26.68 28.24
CA VAL B 62 -29.65 -27.75 27.26
C VAL B 62 -30.69 -28.77 27.71
N ALA B 63 -30.60 -29.19 28.98
CA ALA B 63 -31.56 -30.13 29.55
C ALA B 63 -33.00 -29.57 29.47
N GLU B 64 -33.16 -28.29 29.81
CA GLU B 64 -34.47 -27.62 29.75
C GLU B 64 -35.00 -27.55 28.32
N ALA B 65 -34.10 -27.28 27.37
CA ALA B 65 -34.50 -27.22 25.96
C ALA B 65 -34.96 -28.59 25.49
N ALA B 66 -34.24 -29.64 25.88
CA ALA B 66 -34.59 -31.02 25.52
C ALA B 66 -35.95 -31.43 26.11
N LYS B 67 -36.16 -31.09 27.38
CA LYS B 67 -37.42 -31.32 28.07
C LYS B 67 -38.59 -30.69 27.32
N GLN B 68 -38.41 -29.43 26.90
CA GLN B 68 -39.43 -28.71 26.14
C GLN B 68 -39.78 -29.38 24.82
N LYS B 69 -38.76 -29.86 24.10
CA LYS B 69 -38.97 -30.63 22.87
C LYS B 69 -39.44 -32.07 23.13
N GLN B 70 -39.53 -32.46 24.41
CA GLN B 70 -39.99 -33.80 24.79
C GLN B 70 -39.09 -34.94 24.25
N VAL B 71 -37.78 -34.68 24.24
CA VAL B 71 -36.78 -35.68 23.83
C VAL B 71 -35.69 -35.78 24.91
N SER B 72 -34.92 -36.86 24.91
CA SER B 72 -33.83 -36.98 25.88
C SER B 72 -32.73 -35.97 25.54
N PRO B 73 -31.99 -35.49 26.55
CA PRO B 73 -30.85 -34.62 26.24
C PRO B 73 -29.81 -35.28 25.33
N TYR B 74 -29.63 -36.60 25.45
CA TYR B 74 -28.75 -37.36 24.55
C TYR B 74 -29.19 -37.16 23.09
N ASP B 75 -30.48 -37.38 22.82
CA ASP B 75 -31.00 -37.20 21.45
C ASP B 75 -30.97 -35.72 21.01
N PHE B 76 -31.27 -34.81 21.93
CA PHE B 76 -31.33 -33.40 21.61
C PHE B 76 -29.95 -32.90 21.19
N THR B 77 -28.95 -33.16 22.02
CA THR B 77 -27.59 -32.72 21.74
C THR B 77 -27.01 -33.35 20.47
N THR B 78 -27.29 -34.63 20.25
CA THR B 78 -26.84 -35.29 19.03
C THR B 78 -27.44 -34.62 17.81
N ALA B 79 -28.75 -34.35 17.85
CA ALA B 79 -29.44 -33.68 16.73
C ALA B 79 -28.88 -32.28 16.43
N VAL B 80 -28.66 -31.49 17.48
CA VAL B 80 -28.21 -30.13 17.29
C VAL B 80 -26.74 -30.11 16.87
N ALA B 81 -25.93 -30.97 17.47
CA ALA B 81 -24.57 -31.14 16.99
C ALA B 81 -24.57 -31.46 15.50
N GLY B 82 -25.52 -32.26 15.06
CA GLY B 82 -25.74 -32.55 13.64
C GLY B 82 -26.00 -31.31 12.77
N GLU B 83 -26.81 -30.39 13.28
CA GLU B 83 -27.08 -29.13 12.59
C GLU B 83 -25.83 -28.27 12.43
N PHE B 84 -24.98 -28.24 13.46
CA PHE B 84 -23.73 -27.45 13.41
C PHE B 84 -22.74 -28.05 12.42
N LYS B 85 -22.59 -29.38 12.44
CA LYS B 85 -21.78 -30.09 11.45
C LYS B 85 -22.21 -29.78 10.03
N LYS B 86 -23.51 -29.90 9.79
CA LYS B 86 -24.07 -29.65 8.47
C LYS B 86 -23.88 -28.19 8.04
N PHE B 88 -21.49 -26.16 8.87
CA PHE B 88 -20.10 -25.93 8.51
C PHE B 88 -19.70 -26.66 7.23
N GLU B 89 -20.34 -27.78 6.92
CA GLU B 89 -20.20 -28.41 5.60
C GLU B 89 -20.78 -27.52 4.52
N GLN B 90 -21.98 -26.99 4.74
CA GLN B 90 -22.61 -26.09 3.77
C GLN B 90 -21.75 -24.85 3.49
N MET B 91 -21.14 -24.31 4.54
CA MET B 91 -20.25 -23.16 4.43
C MET B 91 -18.90 -23.49 3.79
N ASP B 92 -18.62 -24.78 3.64
CA ASP B 92 -17.46 -25.27 2.91
C ASP B 92 -16.17 -24.93 3.65
N TYR B 93 -16.20 -25.15 4.97
CA TYR B 93 -15.01 -25.02 5.80
C TYR B 93 -14.16 -26.29 5.71
N SER B 94 -12.94 -26.21 6.21
CA SER B 94 -12.03 -27.33 6.20
C SER B 94 -11.45 -27.48 7.60
N ILE B 95 -12.34 -27.74 8.54
CA ILE B 95 -11.97 -27.93 9.93
C ILE B 95 -11.59 -29.39 10.08
N ASP B 96 -10.53 -29.67 10.83
CA ASP B 96 -9.99 -31.02 10.93
C ASP B 96 -10.74 -31.91 11.93
N TYR B 97 -11.28 -31.32 12.97
CA TYR B 97 -12.05 -32.09 13.93
C TYR B 97 -13.16 -31.25 14.54
N PHE B 98 -14.29 -31.91 14.76
CA PHE B 98 -15.45 -31.34 15.40
C PHE B 98 -15.66 -32.05 16.74
N ILE B 99 -15.39 -31.35 17.84
CA ILE B 99 -15.43 -31.96 19.17
C ILE B 99 -16.76 -31.69 19.83
N ARG B 100 -17.26 -32.69 20.56
CA ARG B 100 -18.48 -32.57 21.34
C ARG B 100 -18.16 -32.87 22.80
N THR B 101 -18.66 -32.05 23.71
CA THR B 101 -18.29 -32.22 25.13
C THR B 101 -18.91 -33.47 25.77
N THR B 102 -19.89 -34.09 25.10
CA THR B 102 -20.46 -35.37 25.55
C THR B 102 -19.51 -36.52 25.29
N ASN B 103 -18.48 -36.30 24.48
CA ASN B 103 -17.50 -37.33 24.18
C ASN B 103 -16.81 -37.83 25.44
N GLU B 104 -16.71 -39.14 25.58
CA GLU B 104 -16.06 -39.77 26.74
C GLU B 104 -14.61 -39.38 26.89
N GLN B 105 -13.92 -39.19 25.79
CA GLN B 105 -12.50 -38.83 25.86
C GLN B 105 -12.34 -37.41 26.41
N HIS B 106 -13.27 -36.53 26.04
CA HIS B 106 -13.27 -35.18 26.60
C HIS B 106 -13.52 -35.25 28.09
N LYS B 107 -14.44 -36.10 28.50
CA LYS B 107 -14.78 -36.24 29.90
C LYS B 107 -13.60 -36.72 30.70
N ALA B 108 -12.84 -37.66 30.13
CA ALA B 108 -11.63 -38.15 30.77
C ALA B 108 -10.60 -37.05 30.99
N VAL B 109 -10.42 -36.20 29.98
CA VAL B 109 -9.47 -35.10 30.07
C VAL B 109 -9.94 -34.08 31.10
N VAL B 110 -11.24 -33.77 31.10
CA VAL B 110 -11.80 -32.87 32.09
C VAL B 110 -11.50 -33.39 33.52
N LYS B 111 -11.73 -34.67 33.74
CA LYS B 111 -11.43 -35.33 35.02
C LYS B 111 -9.93 -35.27 35.37
N GLU B 112 -9.07 -35.51 34.39
CA GLU B 112 -7.62 -35.35 34.60
C GLU B 112 -7.24 -33.93 35.03
N LEU B 113 -7.75 -32.95 34.30
CA LEU B 113 -7.41 -31.55 34.58
C LEU B 113 -7.92 -31.15 35.97
N TRP B 114 -9.18 -31.48 36.24
CA TRP B 114 -9.78 -31.23 37.54
C TRP B 114 -8.89 -31.77 38.64
N THR B 115 -8.51 -33.03 38.51
CA THR B 115 -7.77 -33.75 39.54
C THR B 115 -6.42 -33.11 39.77
N LYS B 116 -5.76 -32.73 38.67
CA LYS B 116 -4.47 -32.05 38.78
C LYS B 116 -4.61 -30.74 39.58
N LEU B 117 -5.64 -29.96 39.27
CA LEU B 117 -5.88 -28.68 39.95
C LEU B 117 -6.22 -28.89 41.41
N GLU B 118 -7.07 -29.88 41.70
CA GLU B 118 -7.42 -30.18 43.08
C GLU B 118 -6.18 -30.61 43.85
N GLN B 119 -5.37 -31.47 43.25
CA GLN B 119 -4.17 -31.96 43.93
C GLN B 119 -3.14 -30.85 44.20
N LYS B 120 -3.05 -29.88 43.30
CA LYS B 120 -2.18 -28.71 43.52
C LYS B 120 -2.68 -27.83 44.66
N GLY B 121 -3.92 -28.03 45.12
CA GLY B 121 -4.57 -27.16 46.08
C GLY B 121 -5.19 -25.89 45.48
N ASP B 122 -5.38 -25.86 44.16
CA ASP B 122 -5.99 -24.70 43.50
C ASP B 122 -7.51 -24.81 43.35
N ILE B 123 -8.05 -26.03 43.54
CA ILE B 123 -9.47 -26.24 43.73
C ILE B 123 -9.65 -26.74 45.15
N TYR B 124 -10.62 -26.18 45.87
CA TYR B 124 -10.93 -26.64 47.22
C TYR B 124 -12.46 -26.68 47.44
N LEU B 125 -12.89 -27.51 48.37
CA LEU B 125 -14.30 -27.67 48.70
C LEU B 125 -14.66 -26.86 49.94
N GLY B 126 -15.69 -26.03 49.83
CA GLY B 126 -16.20 -25.31 50.98
C GLY B 126 -17.70 -25.15 50.93
N ARG B 127 -18.28 -24.74 52.05
CA ARG B 127 -19.73 -24.53 52.14
C ARG B 127 -20.02 -23.06 51.87
N TYR B 128 -20.71 -22.79 50.78
CA TYR B 128 -21.15 -21.44 50.45
C TYR B 128 -22.50 -21.17 51.08
N GLU B 129 -22.67 -19.97 51.60
CA GLU B 129 -23.95 -19.50 52.07
C GLU B 129 -24.20 -18.09 51.60
N GLY B 130 -25.28 -17.92 50.82
CA GLY B 130 -25.59 -16.63 50.24
C GLY B 130 -26.55 -16.73 49.07
N TRP B 131 -26.61 -15.65 48.31
CA TRP B 131 -27.56 -15.53 47.23
C TRP B 131 -27.06 -16.26 45.99
N TYR B 132 -28.01 -16.80 45.21
CA TYR B 132 -27.72 -17.47 43.96
C TYR B 132 -28.85 -17.18 42.98
N SER B 133 -28.50 -16.85 41.73
CA SER B 133 -29.49 -16.70 40.65
C SER B 133 -29.52 -17.98 39.83
N ILE B 134 -30.61 -18.74 39.97
CA ILE B 134 -30.78 -19.99 39.23
C ILE B 134 -30.78 -19.66 37.73
N SER B 135 -31.50 -18.61 37.37
CA SER B 135 -31.62 -18.18 35.97
C SER B 135 -30.29 -17.73 35.35
N ASP B 136 -29.55 -16.89 36.07
CA ASP B 136 -28.25 -16.40 35.60
C ASP B 136 -27.11 -17.37 35.90
N GLU B 137 -27.43 -18.43 36.67
CA GLU B 137 -26.45 -19.45 37.08
C GLU B 137 -25.27 -18.82 37.83
N SER B 138 -25.59 -17.81 38.66
CA SER B 138 -24.60 -16.96 39.30
C SER B 138 -24.79 -16.89 40.81
N PHE B 139 -23.68 -17.02 41.51
CA PHE B 139 -23.60 -16.63 42.91
C PHE B 139 -23.44 -15.12 42.98
N LEU B 140 -24.17 -14.49 43.90
CA LEU B 140 -24.18 -13.04 43.99
C LEU B 140 -23.91 -12.61 45.42
N THR B 141 -23.08 -11.58 45.58
CA THR B 141 -22.82 -11.00 46.90
C THR B 141 -24.03 -10.16 47.31
N PRO B 142 -24.24 -9.99 48.64
CA PRO B 142 -25.41 -9.20 49.10
C PRO B 142 -25.38 -7.76 48.55
N GLN B 143 -24.19 -7.28 48.20
CA GLN B 143 -24.02 -6.01 47.51
C GLN B 143 -24.79 -5.96 46.18
N ASN B 144 -24.68 -7.02 45.37
CA ASN B 144 -25.26 -7.05 44.02
C ASN B 144 -26.71 -7.57 43.94
N ILE B 145 -27.54 -7.21 44.91
CA ILE B 145 -28.97 -7.53 44.86
C ILE B 145 -29.82 -6.35 45.35
N THR B 146 -31.12 -6.39 45.05
CA THR B 146 -32.10 -5.46 45.60
C THR B 146 -33.50 -6.08 45.50
N ASP B 147 -34.53 -5.35 45.94
CA ASP B 147 -35.89 -5.89 46.05
C ASP B 147 -36.67 -5.79 44.73
N GLY B 148 -37.70 -6.62 44.58
CA GLY B 148 -38.49 -6.67 43.36
C GLY B 148 -39.66 -7.65 43.36
N VAL B 149 -40.12 -8.01 42.16
CA VAL B 149 -41.33 -8.82 41.97
C VAL B 149 -40.99 -10.30 41.77
N ASP B 150 -41.89 -11.17 42.24
CA ASP B 150 -41.73 -12.61 42.14
C ASP B 150 -41.70 -13.08 40.67
N ASN B 154 -45.39 -11.52 43.90
CA ASN B 154 -44.95 -11.45 45.29
C ASN B 154 -43.64 -10.66 45.47
N PRO B 155 -43.39 -10.13 46.68
CA PRO B 155 -42.15 -9.41 46.95
C PRO B 155 -40.98 -10.37 47.18
N CYS B 156 -39.83 -10.07 46.58
CA CYS B 156 -38.64 -10.92 46.71
C CYS B 156 -37.37 -10.14 46.43
N LYS B 157 -36.24 -10.84 46.41
CA LYS B 157 -34.96 -10.26 46.04
C LYS B 157 -34.63 -10.63 44.60
N VAL B 158 -33.94 -9.73 43.90
CA VAL B 158 -33.54 -9.96 42.50
C VAL B 158 -32.13 -9.42 42.23
N SER B 159 -31.45 -10.00 41.25
CA SER B 159 -30.12 -9.52 40.88
C SER B 159 -30.23 -8.12 40.31
N LEU B 160 -29.30 -7.26 40.69
CA LEU B 160 -29.29 -5.88 40.25
C LEU B 160 -29.03 -5.80 38.74
N GLU B 161 -28.16 -6.69 38.25
CA GLU B 161 -27.80 -6.75 36.82
C GLU B 161 -28.95 -7.19 35.88
N SER B 162 -29.56 -8.34 36.17
CA SER B 162 -30.52 -8.98 35.27
C SER B 162 -31.99 -8.88 35.70
N GLY B 163 -32.22 -8.69 37.01
CA GLY B 163 -33.57 -8.57 37.55
C GLY B 163 -34.28 -9.88 37.86
N HIS B 164 -33.61 -11.01 37.62
CA HIS B 164 -34.21 -12.32 37.88
C HIS B 164 -34.16 -12.64 39.37
N VAL B 165 -34.99 -13.59 39.79
CA VAL B 165 -35.11 -13.94 41.21
C VAL B 165 -33.82 -14.58 41.73
N VAL B 166 -33.42 -14.20 42.95
CA VAL B 166 -32.28 -14.83 43.64
C VAL B 166 -32.75 -15.54 44.91
N THR B 167 -32.12 -16.67 45.21
CA THR B 167 -32.45 -17.49 46.37
C THR B 167 -31.26 -17.49 47.33
N TRP B 168 -31.55 -17.57 48.63
CA TRP B 168 -30.53 -17.85 49.64
C TRP B 168 -30.28 -19.35 49.65
N VAL B 169 -29.05 -19.76 49.34
CA VAL B 169 -28.69 -21.17 49.32
C VAL B 169 -27.61 -21.47 50.36
N SER B 170 -27.51 -22.75 50.71
CA SER B 170 -26.44 -23.24 51.56
C SER B 170 -26.00 -24.59 51.02
N GLU B 171 -24.81 -24.63 50.44
CA GLU B 171 -24.34 -25.75 49.63
C GLU B 171 -22.84 -25.91 49.73
N GLU B 172 -22.38 -27.16 49.69
CA GLU B 172 -21.00 -27.44 49.40
C GLU B 172 -20.75 -27.07 47.93
N ASN B 173 -19.58 -26.51 47.67
CA ASN B 173 -19.24 -26.02 46.33
C ASN B 173 -17.74 -25.98 46.14
N TYR B 174 -17.29 -26.33 44.94
CA TYR B 174 -15.88 -26.29 44.60
C TYR B 174 -15.48 -24.96 43.96
N MET B 175 -14.44 -24.36 44.55
CA MET B 175 -13.92 -23.07 44.12
C MET B 175 -12.52 -23.25 43.57
N PHE B 176 -12.25 -22.63 42.42
CA PHE B 176 -10.90 -22.47 41.91
C PHE B 176 -10.32 -21.12 42.40
N ARG B 177 -9.10 -21.15 42.93
CA ARG B 177 -8.49 -20.02 43.63
C ARG B 177 -7.85 -19.05 42.64
N LEU B 178 -8.69 -18.53 41.76
CA LEU B 178 -8.26 -17.63 40.73
C LEU B 178 -7.56 -16.41 41.32
N SER B 179 -7.99 -15.94 42.48
CA SER B 179 -7.36 -14.78 43.12
C SER B 179 -5.85 -14.93 43.29
N ALA B 180 -5.36 -16.16 43.46
CA ALA B 180 -3.93 -16.40 43.67
C ALA B 180 -3.10 -16.35 42.38
N PHE B 181 -3.72 -16.13 41.23
CA PHE B 181 -3.04 -16.16 39.93
C PHE B 181 -2.83 -14.79 39.31
N ARG B 182 -3.22 -13.74 40.02
CA ARG B 182 -3.10 -12.36 39.54
C ARG B 182 -1.70 -12.01 39.04
N GLU B 183 -0.70 -12.17 39.91
CA GLU B 183 0.69 -11.85 39.54
C GLU B 183 1.18 -12.64 38.33
N ARG B 184 0.94 -13.96 38.30
CA ARG B 184 1.40 -14.78 37.17
C ARG B 184 0.71 -14.41 35.84
N LEU B 185 -0.57 -14.06 35.90
CA LEU B 185 -1.27 -13.63 34.69
C LEU B 185 -0.72 -12.30 34.18
N LEU B 186 -0.49 -11.36 35.10
CA LEU B 186 0.11 -10.09 34.73
C LEU B 186 1.52 -10.28 34.16
N GLU B 187 2.33 -11.14 34.75
CA GLU B 187 3.64 -11.51 34.13
C GLU B 187 3.47 -12.02 32.70
N TRP B 188 2.50 -12.91 32.48
CA TRP B 188 2.30 -13.49 31.15
C TRP B 188 1.90 -12.42 30.13
N TYR B 189 0.98 -11.53 30.49
CA TYR B 189 0.57 -10.48 29.56
C TYR B 189 1.76 -9.58 29.19
N HIS B 190 2.54 -9.18 30.20
CA HIS B 190 3.62 -8.24 29.95
CA HIS B 190 3.66 -8.26 30.00
C HIS B 190 4.77 -8.92 29.19
N ALA B 191 5.03 -10.19 29.46
CA ALA B 191 6.09 -10.92 28.75
C ALA B 191 5.72 -11.28 27.32
N ASN B 192 4.44 -11.23 26.99
CA ASN B 192 3.98 -11.66 25.67
C ASN B 192 3.02 -10.63 25.13
N PRO B 193 3.53 -9.44 24.77
CA PRO B 193 2.64 -8.33 24.48
C PRO B 193 1.81 -8.45 23.21
N GLY B 194 1.97 -9.52 22.44
CA GLY B 194 1.12 -9.79 21.31
C GLY B 194 0.17 -10.95 21.52
N CYS B 195 -0.03 -11.39 22.76
CA CYS B 195 -0.76 -12.63 23.01
C CYS B 195 -2.28 -12.46 22.97
N ILE B 196 -2.75 -11.21 22.98
CA ILE B 196 -4.18 -10.91 22.87
C ILE B 196 -4.36 -9.82 21.85
N VAL B 197 -5.24 -10.07 20.87
CA VAL B 197 -5.49 -9.19 19.76
C VAL B 197 -7.00 -8.96 19.68
N PRO B 198 -7.43 -7.75 19.31
CA PRO B 198 -6.65 -6.52 19.08
C PRO B 198 -6.17 -5.87 20.35
N GLU B 199 -5.29 -4.91 20.19
CA GLU B 199 -4.51 -4.37 21.29
C GLU B 199 -5.40 -3.80 22.41
N PHE B 200 -6.48 -3.10 22.06
CA PHE B 200 -7.31 -2.47 23.06
C PHE B 200 -8.04 -3.50 23.94
N ARG B 201 -8.30 -4.68 23.38
CA ARG B 201 -8.89 -5.76 24.15
C ARG B 201 -7.86 -6.33 25.09
N ARG B 202 -6.62 -6.38 24.63
CA ARG B 202 -5.53 -6.80 25.49
C ARG B 202 -5.40 -5.88 26.69
N ARG B 203 -5.46 -4.58 26.46
CA ARG B 203 -5.39 -3.60 27.54
C ARG B 203 -6.57 -3.76 28.52
N GLU B 204 -7.76 -4.03 28.00
CA GLU B 204 -8.94 -4.28 28.86
C GLU B 204 -8.71 -5.42 29.84
N VAL B 205 -8.18 -6.52 29.34
CA VAL B 205 -7.89 -7.68 30.16
C VAL B 205 -6.87 -7.34 31.23
N ILE B 206 -5.81 -6.63 30.84
CA ILE B 206 -4.78 -6.26 31.82
C ILE B 206 -5.37 -5.41 32.94
N ARG B 207 -6.17 -4.40 32.59
CA ARG B 207 -6.79 -3.54 33.59
C ARG B 207 -7.64 -4.33 34.58
N ALA B 208 -8.47 -5.23 34.06
CA ALA B 208 -9.32 -6.07 34.91
C ALA B 208 -8.50 -6.89 35.90
N VAL B 209 -7.43 -7.52 35.44
CA VAL B 209 -6.64 -8.38 36.32
C VAL B 209 -5.91 -7.54 37.36
N GLU B 210 -5.45 -6.34 36.98
CA GLU B 210 -4.80 -5.41 37.91
C GLU B 210 -5.70 -5.04 39.11
N LYS B 211 -7.01 -4.92 38.85
CA LYS B 211 -7.96 -4.61 39.91
C LYS B 211 -8.06 -5.71 40.97
N GLY B 212 -7.64 -6.92 40.63
CA GLY B 212 -7.76 -8.07 41.55
C GLY B 212 -8.80 -9.01 40.97
N LEU B 213 -8.69 -10.29 41.32
CA LEU B 213 -9.60 -11.30 40.76
C LEU B 213 -10.29 -12.05 41.88
N PRO B 214 -11.61 -12.24 41.76
CA PRO B 214 -12.30 -13.09 42.72
C PRO B 214 -12.06 -14.55 42.40
N ASP B 215 -12.24 -15.43 43.37
CA ASP B 215 -12.22 -16.87 43.13
C ASP B 215 -13.41 -17.28 42.26
N LEU B 216 -13.32 -18.46 41.66
CA LEU B 216 -14.24 -18.85 40.61
C LEU B 216 -14.89 -20.19 40.94
N SER B 217 -16.20 -20.21 40.98
CA SER B 217 -16.93 -21.41 41.31
C SER B 217 -16.96 -22.32 40.09
N VAL B 218 -16.46 -23.54 40.25
CA VAL B 218 -16.27 -24.46 39.13
C VAL B 218 -17.15 -25.73 39.19
N SER B 219 -18.04 -25.79 40.18
CA SER B 219 -19.03 -26.86 40.26
C SER B 219 -20.43 -26.32 40.55
N ARG B 220 -21.43 -27.14 40.23
CA ARG B 220 -22.80 -26.93 40.71
C ARG B 220 -23.35 -28.27 41.19
N ALA B 221 -24.29 -28.24 42.12
CA ALA B 221 -24.96 -29.45 42.57
C ALA B 221 -25.69 -30.09 41.37
N ARG B 222 -25.76 -31.42 41.36
CA ARG B 222 -26.34 -32.12 40.21
C ARG B 222 -27.78 -31.70 39.91
N ALA B 223 -28.60 -31.47 40.93
CA ALA B 223 -29.99 -31.05 40.67
C ALA B 223 -30.03 -29.71 39.91
N THR B 224 -29.08 -28.83 40.19
CA THR B 224 -29.04 -27.50 39.55
C THR B 224 -28.89 -27.66 38.05
N LEU B 225 -28.11 -28.65 37.64
CA LEU B 225 -27.87 -28.91 36.23
C LEU B 225 -28.73 -30.03 35.66
N HIS B 226 -29.82 -30.37 36.35
CA HIS B 226 -30.69 -31.44 35.90
C HIS B 226 -29.87 -32.68 35.54
N ASN B 227 -28.82 -32.95 36.31
CA ASN B 227 -28.02 -34.14 36.09
C ASN B 227 -27.46 -34.30 34.68
N TRP B 228 -27.25 -33.18 33.98
CA TRP B 228 -26.76 -33.20 32.61
C TRP B 228 -25.42 -32.45 32.52
N ALA B 229 -24.35 -33.13 32.94
CA ALA B 229 -23.03 -32.55 33.10
C ALA B 229 -22.03 -33.65 33.49
N ILE B 230 -20.76 -33.28 33.61
CA ILE B 230 -19.70 -34.25 33.95
C ILE B 230 -19.51 -34.28 35.46
N PRO B 231 -19.50 -35.48 36.10
CA PRO B 231 -19.35 -35.60 37.57
C PRO B 231 -18.01 -35.10 38.05
N VAL B 232 -18.00 -34.44 39.19
CA VAL B 232 -16.76 -34.11 39.86
C VAL B 232 -16.10 -35.43 40.26
N PRO B 233 -14.82 -35.63 39.89
CA PRO B 233 -14.05 -36.79 40.31
C PRO B 233 -14.17 -37.06 41.79
N GLY B 234 -14.59 -38.26 42.15
CA GLY B 234 -14.71 -38.66 43.54
C GLY B 234 -15.85 -37.99 44.29
N ASN B 235 -16.72 -37.25 43.60
CA ASN B 235 -17.90 -36.67 44.25
C ASN B 235 -19.13 -36.63 43.34
N PRO B 236 -19.91 -37.72 43.33
CA PRO B 236 -21.02 -37.85 42.38
C PRO B 236 -22.24 -36.95 42.65
N ASP B 237 -22.22 -36.20 43.75
CA ASP B 237 -23.28 -35.23 44.06
C ASP B 237 -23.08 -33.88 43.37
N HIS B 238 -21.91 -33.67 42.75
CA HIS B 238 -21.56 -32.37 42.17
C HIS B 238 -21.04 -32.55 40.76
N VAL B 240 -19.08 -30.72 37.21
CA VAL B 240 -18.17 -29.74 36.66
C VAL B 240 -19.00 -28.70 35.90
N TYR B 241 -18.87 -27.44 36.29
CA TYR B 241 -19.62 -26.37 35.62
C TYR B 241 -18.89 -25.98 34.33
N VAL B 242 -19.43 -25.00 33.60
CA VAL B 242 -18.93 -24.65 32.27
C VAL B 242 -17.40 -24.44 32.15
N TRP B 243 -16.79 -23.79 33.12
CA TRP B 243 -15.39 -23.34 32.96
C TRP B 243 -14.41 -24.46 32.64
N LEU B 244 -14.34 -25.50 33.47
CA LEU B 244 -13.41 -26.60 33.24
C LEU B 244 -13.98 -27.68 32.32
N ASP B 245 -15.24 -27.54 31.94
CA ASP B 245 -15.81 -28.43 30.94
C ASP B 245 -15.51 -27.86 29.56
N ALA B 246 -16.05 -26.68 29.26
CA ALA B 246 -15.93 -26.11 27.90
C ALA B 246 -14.51 -25.72 27.49
N LEU B 247 -13.77 -25.02 28.36
CA LEU B 247 -12.46 -24.50 27.96
C LEU B 247 -11.52 -25.65 27.71
N THR B 248 -11.70 -26.70 28.48
CA THR B 248 -10.89 -27.91 28.34
C THR B 248 -10.99 -28.56 26.94
N ASN B 249 -12.02 -28.24 26.16
CA ASN B 249 -12.13 -28.86 24.83
C ASN B 249 -10.84 -28.74 23.99
N TYR B 250 -10.11 -27.65 24.16
CA TYR B 250 -8.89 -27.38 23.39
C TYR B 250 -7.80 -28.38 23.74
N LEU B 251 -7.65 -28.67 25.01
CA LEU B 251 -6.74 -29.70 25.48
C LEU B 251 -7.13 -31.08 24.96
N THR B 252 -8.41 -31.41 25.04
CA THR B 252 -8.89 -32.71 24.56
C THR B 252 -8.60 -32.82 23.07
N GLY B 253 -9.00 -31.81 22.32
CA GLY B 253 -8.76 -31.77 20.87
C GLY B 253 -7.30 -32.00 20.53
N SER B 254 -6.42 -31.44 21.34
CA SER B 254 -4.98 -31.49 21.09
C SER B 254 -4.42 -32.90 21.30
N ARG B 255 -5.18 -33.76 21.94
CA ARG B 255 -4.74 -35.10 22.29
C ARG B 255 -5.48 -36.25 21.56
N LEU B 256 -6.35 -35.90 20.61
CA LEU B 256 -7.10 -36.91 19.86
C LEU B 256 -6.47 -37.25 18.53
N ARG B 257 -6.16 -38.53 18.33
CA ARG B 257 -5.90 -39.05 16.99
C ARG B 257 -7.21 -39.18 16.21
N VAL B 258 -7.18 -38.77 14.94
CA VAL B 258 -8.38 -38.68 14.11
C VAL B 258 -8.15 -39.44 12.80
N ASP B 259 -9.10 -40.28 12.42
CA ASP B 259 -8.97 -41.07 11.18
C ASP B 259 -9.31 -40.25 9.92
N GLU B 260 -9.24 -40.90 8.75
CA GLU B 260 -9.60 -40.26 7.47
C GLU B 260 -11.01 -39.65 7.48
N SER B 261 -11.95 -40.26 8.21
CA SER B 261 -13.36 -39.84 8.21
C SER B 261 -13.75 -38.77 9.24
N GLY B 262 -12.78 -38.24 9.98
CA GLY B 262 -13.05 -37.20 10.99
C GLY B 262 -13.48 -37.69 12.37
N LYS B 263 -13.54 -39.01 12.55
CA LYS B 263 -13.89 -39.63 13.84
C LYS B 263 -12.63 -39.84 14.69
N GLU B 264 -12.70 -39.50 15.98
CA GLU B 264 -11.57 -39.72 16.91
C GLU B 264 -11.37 -41.20 17.17
N VAL B 265 -10.11 -41.64 17.12
CA VAL B 265 -9.78 -43.05 17.27
C VAL B 265 -9.18 -43.32 18.64
N SER B 266 -8.62 -42.29 19.26
CA SER B 266 -7.72 -42.52 20.39
C SER B 266 -7.35 -41.23 21.10
N LEU B 267 -7.34 -41.27 22.42
CA LEU B 267 -6.84 -40.19 23.25
C LEU B 267 -5.42 -40.53 23.70
N VAL B 268 -4.44 -39.76 23.25
CA VAL B 268 -3.07 -39.98 23.71
C VAL B 268 -2.93 -39.41 25.12
N ASP B 269 -1.98 -39.95 25.88
CA ASP B 269 -1.72 -39.51 27.26
C ASP B 269 -1.03 -38.15 27.32
N ASP B 270 -0.01 -37.98 26.49
CA ASP B 270 0.89 -36.81 26.54
C ASP B 270 0.62 -35.92 25.32
N PHE B 271 0.09 -34.71 25.58
CA PHE B 271 -0.19 -33.74 24.51
C PHE B 271 0.98 -33.56 23.54
N ASN B 272 2.21 -33.55 24.04
CA ASN B 272 3.36 -33.38 23.14
C ASN B 272 3.47 -34.40 22.03
N GLU B 273 2.84 -35.56 22.20
CA GLU B 273 2.90 -36.61 21.20
C GLU B 273 2.37 -36.12 19.85
N LEU B 274 1.33 -35.28 19.85
CA LEU B 274 0.70 -34.86 18.60
C LEU B 274 1.16 -33.47 18.14
N GLU B 275 1.89 -32.77 19.00
CA GLU B 275 2.56 -31.49 18.64
C GLU B 275 1.59 -30.34 18.35
N ARG B 276 0.41 -30.37 18.99
CA ARG B 276 -0.62 -29.35 18.77
C ARG B 276 -0.69 -28.38 19.94
N PHE B 277 -0.80 -28.90 21.15
CA PHE B 277 -0.98 -28.03 22.30
C PHE B 277 0.31 -27.27 22.58
N PRO B 278 0.22 -26.00 22.98
CA PRO B 278 -0.95 -25.16 23.17
C PRO B 278 -1.35 -24.52 21.84
N ALA B 279 -2.55 -23.98 21.77
CA ALA B 279 -3.03 -23.34 20.55
C ALA B 279 -2.13 -22.21 20.12
N ASP B 280 -1.83 -22.17 18.83
CA ASP B 280 -1.13 -21.04 18.23
C ASP B 280 -2.09 -19.85 18.13
N VAL B 281 -3.35 -20.10 17.79
CA VAL B 281 -4.40 -19.07 17.83
C VAL B 281 -5.73 -19.62 18.34
N HIS B 282 -6.28 -19.01 19.40
CA HIS B 282 -7.67 -19.21 19.77
C HIS B 282 -8.50 -18.08 19.17
N VAL B 283 -9.44 -18.41 18.30
CA VAL B 283 -10.37 -17.43 17.79
C VAL B 283 -11.61 -17.42 18.68
N ILE B 284 -12.01 -16.24 19.13
CA ILE B 284 -13.21 -16.06 19.96
C ILE B 284 -13.89 -14.74 19.65
N GLY B 285 -15.15 -14.62 20.05
CA GLY B 285 -15.83 -13.32 20.07
C GLY B 285 -15.48 -12.57 21.35
N LYS B 286 -15.67 -11.25 21.33
CA LYS B 286 -15.29 -10.40 22.46
C LYS B 286 -16.02 -10.73 23.75
N ASP B 287 -17.16 -11.37 23.66
CA ASP B 287 -17.98 -11.69 24.84
C ASP B 287 -17.33 -12.71 25.79
N ILE B 288 -16.42 -13.53 25.29
CA ILE B 288 -15.78 -14.58 26.10
C ILE B 288 -14.27 -14.36 26.30
N LEU B 289 -13.79 -13.16 25.98
CA LEU B 289 -12.38 -12.82 26.15
C LEU B 289 -11.87 -13.04 27.58
N LYS B 290 -12.61 -12.57 28.57
CA LYS B 290 -12.18 -12.78 29.97
C LYS B 290 -12.03 -14.25 30.28
N PHE B 291 -12.91 -15.09 29.73
CA PHE B 291 -12.85 -16.52 30.04
C PHE B 291 -11.59 -17.14 29.45
N HIS B 292 -11.27 -16.78 28.21
CA HIS B 292 -10.10 -17.34 27.53
C HIS B 292 -8.76 -16.72 27.93
N ALA B 293 -8.78 -15.47 28.39
CA ALA B 293 -7.53 -14.74 28.69
C ALA B 293 -7.24 -14.63 30.19
N ILE B 294 -8.21 -15.00 31.04
CA ILE B 294 -8.00 -15.02 32.50
C ILE B 294 -8.15 -16.46 33.05
N TYR B 295 -9.35 -17.02 32.99
CA TYR B 295 -9.64 -18.33 33.56
C TYR B 295 -8.80 -19.46 32.95
N TRP B 296 -8.86 -19.55 31.63
CA TRP B 296 -8.16 -20.59 30.88
C TRP B 296 -6.67 -20.64 31.17
N PRO B 297 -5.93 -19.53 31.00
CA PRO B 297 -4.52 -19.59 31.38
C PRO B 297 -4.24 -19.86 32.87
N ALA B 298 -5.10 -19.37 33.77
CA ALA B 298 -4.96 -19.71 35.19
C ALA B 298 -5.05 -21.23 35.35
N PHE B 299 -6.04 -21.86 34.70
CA PHE B 299 -6.15 -23.31 34.76
C PHE B 299 -4.87 -23.96 34.26
N LEU B 300 -4.32 -23.45 33.15
CA LEU B 300 -3.11 -24.01 32.54
C LEU B 300 -1.88 -23.82 33.43
N LEU B 301 -1.73 -22.62 33.99
CA LEU B 301 -0.71 -22.36 35.02
C LEU B 301 -0.80 -23.31 36.23
N SER B 302 -1.99 -23.51 36.77
CA SER B 302 -2.18 -24.46 37.87
C SER B 302 -1.67 -25.84 37.51
N ALA B 303 -1.96 -26.26 36.27
CA ALA B 303 -1.67 -27.62 35.85
C ALA B 303 -0.23 -27.80 35.33
N GLY B 304 0.50 -26.69 35.17
CA GLY B 304 1.84 -26.77 34.61
C GLY B 304 1.84 -27.01 33.10
N LEU B 305 0.79 -26.54 32.42
CA LEU B 305 0.67 -26.72 30.99
C LEU B 305 1.09 -25.43 30.28
N PRO B 306 1.58 -25.55 29.04
CA PRO B 306 1.94 -24.34 28.30
C PRO B 306 0.72 -23.49 27.92
N LEU B 307 0.92 -22.19 27.80
CA LEU B 307 -0.16 -21.26 27.50
C LEU B 307 -0.29 -21.00 26.01
N PRO B 308 -1.50 -20.66 25.54
CA PRO B 308 -1.72 -20.35 24.12
C PRO B 308 -0.85 -19.18 23.69
N LYS B 309 -0.42 -19.19 22.43
CA LYS B 309 0.40 -18.09 21.92
C LYS B 309 -0.43 -16.83 21.68
N LYS B 310 -1.65 -16.99 21.14
CA LYS B 310 -2.50 -15.86 20.80
C LYS B 310 -3.98 -16.12 21.02
N ILE B 311 -4.68 -15.10 21.50
CA ILE B 311 -6.12 -15.10 21.60
C ILE B 311 -6.58 -13.91 20.77
N VAL B 312 -7.37 -14.19 19.73
CA VAL B 312 -7.92 -13.12 18.91
C VAL B 312 -9.43 -13.06 19.12
N ALA B 313 -9.89 -11.90 19.57
CA ALA B 313 -11.29 -11.65 19.90
C ALA B 313 -11.92 -10.65 18.94
N HIS B 314 -12.93 -11.10 18.19
CA HIS B 314 -13.55 -10.28 17.15
C HIS B 314 -14.82 -9.59 17.64
N GLY B 315 -15.40 -8.75 16.79
CA GLY B 315 -16.62 -8.01 17.13
C GLY B 315 -17.90 -8.74 16.75
N TRP B 316 -19.02 -8.06 16.90
CA TRP B 316 -20.35 -8.59 16.60
C TRP B 316 -20.96 -7.84 15.42
N TRP B 317 -21.52 -8.58 14.46
CA TRP B 317 -22.15 -8.00 13.26
C TRP B 317 -23.54 -7.50 13.52
N THR B 318 -23.90 -6.45 12.79
CA THR B 318 -25.26 -6.01 12.64
C THR B 318 -25.66 -6.24 11.18
N LYS B 319 -26.95 -6.12 10.88
CA LYS B 319 -27.41 -6.04 9.47
C LYS B 319 -28.28 -4.80 9.27
N ASP B 320 -27.97 -4.03 8.23
CA ASP B 320 -28.65 -2.77 7.96
C ASP B 320 -28.68 -1.88 9.21
N ARG B 321 -27.53 -1.82 9.90
CA ARG B 321 -27.31 -0.96 11.07
C ARG B 321 -28.13 -1.36 12.30
N LYS B 322 -28.77 -2.52 12.25
CA LYS B 322 -29.68 -2.95 13.28
C LYS B 322 -29.24 -4.30 13.85
N LYS B 323 -29.65 -4.58 15.07
CA LYS B 323 -29.32 -5.85 15.73
C LYS B 323 -29.88 -7.01 14.92
N ILE B 324 -29.04 -8.02 14.67
CA ILE B 324 -29.50 -9.22 13.97
C ILE B 324 -30.35 -10.00 14.95
N SER B 325 -31.57 -10.36 14.54
CA SER B 325 -32.54 -11.00 15.44
C SER B 325 -33.68 -11.62 14.66
N LYS B 326 -33.92 -12.91 14.92
CA LYS B 326 -35.05 -13.64 14.34
C LYS B 326 -36.38 -13.00 14.71
N SER B 327 -36.55 -12.68 15.99
CA SER B 327 -37.83 -12.20 16.51
C SER B 327 -38.12 -10.75 16.12
N LEU B 328 -37.08 -9.94 15.96
CA LEU B 328 -37.24 -8.53 15.58
C LEU B 328 -37.17 -8.30 14.06
N GLY B 329 -37.36 -9.36 13.28
CA GLY B 329 -37.45 -9.22 11.82
C GLY B 329 -36.17 -8.76 11.15
N ASN B 330 -35.03 -9.12 11.71
CA ASN B 330 -33.75 -8.80 11.07
C ASN B 330 -32.87 -10.04 10.98
N VAL B 331 -33.23 -10.89 10.02
CA VAL B 331 -32.51 -12.13 9.77
C VAL B 331 -31.30 -11.88 8.86
N PHE B 332 -30.16 -12.42 9.25
CA PHE B 332 -28.99 -12.51 8.38
C PHE B 332 -28.64 -13.99 8.27
N ASP B 333 -29.22 -14.65 7.26
CA ASP B 333 -29.00 -16.07 7.00
C ASP B 333 -27.83 -16.23 6.03
N PRO B 334 -26.70 -16.79 6.50
CA PRO B 334 -25.52 -16.80 5.64
C PRO B 334 -25.66 -17.66 4.38
N VAL B 335 -26.33 -18.81 4.48
CA VAL B 335 -26.52 -19.66 3.32
C VAL B 335 -27.32 -18.91 2.26
N GLU B 336 -28.37 -18.23 2.69
CA GLU B 336 -29.18 -17.48 1.75
C GLU B 336 -28.32 -16.49 0.97
N LYS B 337 -27.50 -15.73 1.69
CA LYS B 337 -26.68 -14.70 1.06
C LYS B 337 -25.63 -15.32 0.17
N ALA B 338 -25.06 -16.43 0.60
CA ALA B 338 -24.06 -17.16 -0.21
C ALA B 338 -24.68 -17.76 -1.49
N GLU B 339 -25.89 -18.27 -1.38
CA GLU B 339 -26.64 -18.75 -2.54
C GLU B 339 -26.91 -17.61 -3.52
N GLU B 340 -27.18 -16.42 -2.99
CA GLU B 340 -27.42 -15.28 -3.85
C GLU B 340 -26.13 -14.73 -4.49
N PHE B 341 -25.11 -14.44 -3.67
CA PHE B 341 -23.95 -13.67 -4.12
C PHE B 341 -22.69 -14.49 -4.38
N GLY B 342 -22.68 -15.72 -3.92
CA GLY B 342 -21.47 -16.56 -3.96
C GLY B 342 -20.94 -16.84 -2.56
N TYR B 343 -20.45 -18.05 -2.36
CA TYR B 343 -19.89 -18.45 -1.08
C TYR B 343 -18.58 -17.72 -0.78
N ASP B 344 -17.63 -17.80 -1.72
CA ASP B 344 -16.35 -17.14 -1.56
C ASP B 344 -16.52 -15.63 -1.44
N ALA B 345 -17.49 -15.07 -2.17
CA ALA B 345 -17.76 -13.64 -2.13
C ALA B 345 -18.27 -13.23 -0.77
N LEU B 346 -19.20 -14.00 -0.21
CA LEU B 346 -19.70 -13.69 1.12
C LEU B 346 -18.56 -13.72 2.16
N LYS B 347 -17.70 -14.73 2.05
CA LYS B 347 -16.58 -14.91 2.97
C LYS B 347 -15.63 -13.73 2.88
N TYR B 348 -15.36 -13.32 1.65
CA TYR B 348 -14.53 -12.16 1.37
C TYR B 348 -15.07 -10.92 2.08
N PHE B 349 -16.38 -10.70 1.95
CA PHE B 349 -17.00 -9.52 2.54
C PHE B 349 -16.86 -9.56 4.04
N LEU B 350 -17.20 -10.69 4.65
CA LEU B 350 -17.14 -10.81 6.10
C LEU B 350 -15.72 -10.57 6.63
N LEU B 351 -14.71 -10.94 5.84
CA LEU B 351 -13.31 -10.79 6.25
C LEU B 351 -12.67 -9.45 5.83
N ARG B 352 -13.22 -8.80 4.80
CA ARG B 352 -12.68 -7.55 4.30
C ARG B 352 -13.39 -6.31 4.88
N GLU B 353 -14.70 -6.40 5.04
CA GLU B 353 -15.52 -5.26 5.44
C GLU B 353 -15.18 -4.75 6.84
N SER B 354 -14.75 -5.65 7.70
CA SER B 354 -14.51 -5.28 9.08
C SER B 354 -13.28 -5.98 9.64
N GLY B 355 -12.57 -5.27 10.50
CA GLY B 355 -11.47 -5.86 11.25
C GLY B 355 -11.98 -6.45 12.55
N PHE B 356 -11.08 -7.02 13.34
CA PHE B 356 -11.46 -7.67 14.60
C PHE B 356 -11.74 -6.69 15.71
N SER B 357 -11.33 -5.43 15.54
CA SER B 357 -11.69 -4.38 16.50
C SER B 357 -13.04 -3.73 16.18
N ASP B 358 -13.63 -4.07 15.03
CA ASP B 358 -14.87 -3.45 14.59
C ASP B 358 -16.07 -4.37 14.79
N ASP B 359 -17.21 -3.75 15.06
CA ASP B 359 -18.49 -4.43 15.01
C ASP B 359 -19.03 -4.14 13.63
N GLY B 360 -18.87 -5.10 12.73
CA GLY B 360 -19.19 -4.90 11.33
C GLY B 360 -20.67 -4.78 11.04
N ASP B 361 -21.00 -4.21 9.90
CA ASP B 361 -22.39 -4.11 9.43
C ASP B 361 -22.52 -4.77 8.07
N TYR B 362 -23.43 -5.73 7.94
CA TYR B 362 -23.76 -6.28 6.63
C TYR B 362 -24.89 -5.47 5.99
N SER B 363 -24.80 -5.24 4.68
CA SER B 363 -25.95 -4.87 3.88
C SER B 363 -25.76 -5.41 2.47
N ASP B 364 -26.86 -5.69 1.77
CA ASP B 364 -26.78 -6.13 0.38
C ASP B 364 -26.09 -5.09 -0.50
N LYS B 365 -26.30 -3.82 -0.18
CA LYS B 365 -25.68 -2.74 -0.93
C LYS B 365 -24.15 -2.76 -0.85
N ASN B 366 -23.59 -2.87 0.35
CA ASN B 366 -22.13 -2.86 0.52
C ASN B 366 -21.51 -4.16 0.03
N MET B 367 -22.25 -5.26 0.20
CA MET B 367 -21.87 -6.56 -0.34
C MET B 367 -21.69 -6.50 -1.85
N ILE B 368 -22.68 -5.92 -2.53
CA ILE B 368 -22.63 -5.75 -3.97
C ILE B 368 -21.53 -4.77 -4.35
N ALA B 369 -21.37 -3.70 -3.58
CA ALA B 369 -20.28 -2.76 -3.82
C ALA B 369 -18.89 -3.45 -3.83
N ARG B 370 -18.65 -4.35 -2.89
CA ARG B 370 -17.35 -5.05 -2.82
C ARG B 370 -17.22 -6.14 -3.88
N LEU B 371 -18.31 -6.87 -4.08
CA LEU B 371 -18.36 -7.89 -5.14
C LEU B 371 -18.08 -7.27 -6.51
N ASN B 372 -18.76 -6.19 -6.83
CA ASN B 372 -18.59 -5.53 -8.12
C ASN B 372 -17.26 -4.79 -8.26
N GLY B 373 -16.86 -4.07 -7.22
CA GLY B 373 -15.67 -3.22 -7.29
C GLY B 373 -14.35 -3.95 -7.17
N GLU B 374 -14.27 -4.90 -6.26
CA GLU B 374 -13.02 -5.56 -5.90
C GLU B 374 -12.90 -6.94 -6.55
N LEU B 375 -13.91 -7.78 -6.35
CA LEU B 375 -13.87 -9.13 -6.86
C LEU B 375 -14.00 -9.19 -8.39
N ALA B 376 -15.02 -8.53 -8.94
CA ALA B 376 -15.23 -8.51 -10.39
C ALA B 376 -14.30 -7.51 -11.09
N ASP B 377 -14.42 -6.23 -10.75
CA ASP B 377 -13.73 -5.16 -11.48
C ASP B 377 -12.23 -5.15 -11.31
N THR B 378 -11.71 -5.63 -10.17
CA THR B 378 -10.27 -5.61 -9.93
C THR B 378 -9.68 -6.99 -10.18
N LEU B 379 -10.12 -7.99 -9.43
CA LEU B 379 -9.53 -9.33 -9.55
C LEU B 379 -9.95 -10.04 -10.83
N GLY B 380 -11.25 -10.17 -11.05
CA GLY B 380 -11.78 -10.93 -12.17
C GLY B 380 -11.41 -10.38 -13.53
N ASN B 381 -11.56 -9.06 -13.66
CA ASN B 381 -11.19 -8.32 -14.87
C ASN B 381 -9.74 -8.60 -15.24
N LEU B 382 -8.87 -8.53 -14.24
CA LEU B 382 -7.46 -8.76 -14.47
C LEU B 382 -7.23 -10.19 -14.93
N VAL B 383 -7.88 -11.15 -14.28
CA VAL B 383 -7.76 -12.56 -14.66
C VAL B 383 -8.19 -12.83 -16.10
N MET B 384 -9.27 -12.21 -16.55
CA MET B 384 -9.73 -12.39 -17.93
C MET B 384 -8.76 -11.75 -18.91
N ARG B 385 -8.24 -10.58 -18.57
CA ARG B 385 -7.29 -9.88 -19.43
C ARG B 385 -6.06 -10.71 -19.76
N CYS B 386 -5.42 -11.26 -18.75
CA CYS B 386 -4.18 -12.00 -18.98
C CYS B 386 -4.37 -13.41 -19.54
N THR B 387 -5.61 -13.93 -19.51
CA THR B 387 -5.93 -15.25 -20.11
C THR B 387 -6.67 -15.13 -21.44
N SER B 388 -7.02 -13.91 -21.82
CA SER B 388 -7.81 -13.64 -23.02
C SER B 388 -7.05 -14.01 -24.29
N ALA B 389 -7.77 -14.62 -25.23
CA ALA B 389 -7.18 -15.03 -26.51
C ALA B 389 -6.77 -13.84 -27.40
N LYS B 390 -7.37 -12.67 -27.20
CA LYS B 390 -6.98 -11.49 -27.97
C LYS B 390 -5.63 -10.92 -27.54
N ILE B 391 -5.27 -11.14 -26.27
CA ILE B 391 -4.05 -10.57 -25.69
C ILE B 391 -2.98 -11.64 -25.57
N ASN B 392 -3.33 -12.76 -24.94
CA ASN B 392 -2.46 -13.92 -24.84
C ASN B 392 -2.77 -14.87 -25.99
N VAL B 393 -2.27 -14.55 -27.17
CA VAL B 393 -2.67 -15.26 -28.38
C VAL B 393 -2.23 -16.71 -28.44
N ASN B 394 -1.08 -17.05 -27.85
CA ASN B 394 -0.57 -18.44 -27.82
C ASN B 394 -1.07 -19.33 -26.67
N GLY B 395 -1.91 -18.78 -25.79
CA GLY B 395 -2.44 -19.54 -24.65
C GLY B 395 -1.33 -20.12 -23.77
N GLU B 396 -0.38 -19.28 -23.38
CA GLU B 396 0.74 -19.75 -22.57
C GLU B 396 1.38 -18.64 -21.75
N TRP B 397 2.29 -19.06 -20.87
CA TRP B 397 3.10 -18.17 -20.08
C TRP B 397 4.29 -17.76 -20.93
N PRO B 398 4.35 -16.49 -21.34
CA PRO B 398 5.44 -16.09 -22.21
C PRO B 398 6.77 -16.01 -21.49
N SER B 399 7.84 -16.16 -22.26
CA SER B 399 9.18 -15.91 -21.75
C SER B 399 9.50 -14.42 -21.85
N PRO B 400 9.82 -13.77 -20.72
CA PRO B 400 9.97 -12.32 -20.70
C PRO B 400 11.24 -11.82 -21.36
N ALA B 401 11.18 -10.68 -22.03
CA ALA B 401 12.39 -9.98 -22.49
C ALA B 401 12.89 -9.07 -21.37
N ALA B 402 13.71 -8.07 -21.68
CA ALA B 402 14.33 -7.24 -20.63
C ALA B 402 13.31 -6.40 -19.87
N TYR B 403 13.52 -6.28 -18.57
CA TYR B 403 12.64 -5.51 -17.72
C TYR B 403 12.99 -4.04 -17.73
N THR B 404 11.99 -3.19 -17.85
CA THR B 404 12.15 -1.76 -17.68
C THR B 404 12.13 -1.41 -16.20
N GLU B 405 12.39 -0.15 -15.85
CA GLU B 405 12.26 0.26 -14.46
C GLU B 405 10.83 0.11 -13.98
N GLU B 406 9.86 0.44 -14.82
CA GLU B 406 8.46 0.32 -14.41
C GLU B 406 8.10 -1.15 -14.16
N ASP B 407 8.57 -2.05 -15.04
CA ASP B 407 8.46 -3.50 -14.81
C ASP B 407 9.06 -3.89 -13.45
N GLU B 408 10.26 -3.38 -13.17
CA GLU B 408 10.92 -3.70 -11.90
C GLU B 408 10.12 -3.19 -10.69
N SER B 409 9.47 -2.03 -10.82
CA SER B 409 8.70 -1.50 -9.70
C SER B 409 7.51 -2.41 -9.39
N LEU B 410 6.85 -2.95 -10.40
CA LEU B 410 5.72 -3.87 -10.16
C LEU B 410 6.21 -5.20 -9.62
N ILE B 411 7.24 -5.73 -10.23
CA ILE B 411 7.86 -6.96 -9.76
C ILE B 411 8.26 -6.89 -8.28
N GLN B 412 8.71 -5.73 -7.84
CA GLN B 412 9.14 -5.59 -6.45
C GLN B 412 7.94 -5.66 -5.54
N LEU B 413 6.82 -5.12 -5.99
CA LEU B 413 5.60 -5.17 -5.18
C LEU B 413 5.20 -6.62 -4.98
N ILE B 414 5.29 -7.40 -6.04
CA ILE B 414 4.90 -8.81 -6.03
C ILE B 414 5.85 -9.65 -5.18
N LYS B 415 7.15 -9.41 -5.28
CA LYS B 415 8.13 -10.04 -4.38
C LYS B 415 7.91 -9.70 -2.91
N ASP B 416 7.57 -8.46 -2.63
CA ASP B 416 7.35 -8.01 -1.25
C ASP B 416 6.05 -8.56 -0.64
N LEU B 417 5.08 -8.88 -1.48
CA LEU B 417 3.75 -9.21 -0.97
C LEU B 417 3.69 -10.42 -0.02
N PRO B 418 4.39 -11.51 -0.33
CA PRO B 418 4.23 -12.66 0.59
C PRO B 418 4.62 -12.36 2.02
N GLY B 419 5.74 -11.66 2.22
CA GLY B 419 6.21 -11.34 3.55
C GLY B 419 5.28 -10.37 4.27
N THR B 420 4.75 -9.40 3.53
CA THR B 420 3.74 -8.50 4.07
C THR B 420 2.50 -9.28 4.49
N ALA B 421 1.95 -10.06 3.56
CA ALA B 421 0.77 -10.86 3.83
C ALA B 421 1.00 -11.82 4.98
N ASP B 422 2.16 -12.45 5.01
CA ASP B 422 2.47 -13.39 6.07
C ASP B 422 2.45 -12.74 7.44
N HIS B 423 3.03 -11.55 7.55
CA HIS B 423 3.01 -10.83 8.83
C HIS B 423 1.60 -10.54 9.30
N TYR B 424 0.74 -10.07 8.39
CA TYR B 424 -0.64 -9.79 8.74
C TYR B 424 -1.40 -11.06 9.14
N TYR B 425 -1.26 -12.13 8.38
CA TYR B 425 -1.90 -13.41 8.74
C TYR B 425 -1.47 -13.87 10.15
N LEU B 426 -0.24 -13.58 10.55
CA LEU B 426 0.26 -14.06 11.84
C LEU B 426 -0.17 -13.24 13.04
N ILE B 427 -0.60 -11.99 12.81
CA ILE B 427 -0.99 -11.14 13.93
C ILE B 427 -2.08 -11.80 14.79
N PRO B 428 -3.18 -12.28 14.19
CA PRO B 428 -3.65 -12.22 12.82
C PRO B 428 -4.50 -10.99 12.56
N ASP B 429 -4.40 -10.47 11.34
CA ASP B 429 -5.23 -9.37 10.88
C ASP B 429 -5.55 -9.67 9.42
N ILE B 430 -6.64 -10.38 9.20
CA ILE B 430 -6.94 -10.91 7.88
C ILE B 430 -7.37 -9.78 6.97
N GLN B 431 -8.06 -8.80 7.51
CA GLN B 431 -8.50 -7.66 6.72
C GLN B 431 -7.29 -6.95 6.08
N LYS B 432 -6.25 -6.70 6.86
CA LYS B 432 -5.02 -6.12 6.31
C LYS B 432 -4.31 -7.05 5.32
N ALA B 433 -4.33 -8.36 5.60
CA ALA B 433 -3.79 -9.30 4.62
C ALA B 433 -4.48 -9.14 3.27
N ILE B 434 -5.80 -9.04 3.27
CA ILE B 434 -6.55 -8.92 2.03
C ILE B 434 -6.25 -7.60 1.32
N ILE B 435 -6.19 -6.52 2.08
CA ILE B 435 -5.94 -5.19 1.51
C ILE B 435 -4.58 -5.16 0.87
N ALA B 436 -3.59 -5.73 1.56
CA ALA B 436 -2.25 -5.80 0.98
C ALA B 436 -2.26 -6.54 -0.37
N VAL B 437 -3.00 -7.64 -0.47
CA VAL B 437 -3.06 -8.34 -1.74
C VAL B 437 -3.76 -7.48 -2.80
N PHE B 438 -4.84 -6.81 -2.39
CA PHE B 438 -5.60 -6.01 -3.33
C PHE B 438 -4.89 -4.72 -3.73
N ASP B 439 -3.98 -4.21 -2.90
CA ASP B 439 -3.12 -3.10 -3.33
C ASP B 439 -2.25 -3.55 -4.51
N VAL B 440 -1.71 -4.75 -4.41
CA VAL B 440 -0.89 -5.30 -5.48
C VAL B 440 -1.77 -5.57 -6.70
N LEU B 441 -2.98 -6.08 -6.49
CA LEU B 441 -3.87 -6.31 -7.64
C LEU B 441 -4.17 -5.02 -8.40
N ARG B 442 -4.42 -3.95 -7.66
CA ARG B 442 -4.61 -2.64 -8.26
C ARG B 442 -3.36 -2.17 -9.02
N ALA B 443 -2.19 -2.39 -8.45
CA ALA B 443 -0.97 -1.96 -9.13
C ALA B 443 -0.79 -2.74 -10.44
N ILE B 444 -1.11 -4.03 -10.43
CA ILE B 444 -1.01 -4.83 -11.64
C ILE B 444 -1.98 -4.31 -12.69
N ASN B 445 -3.21 -4.01 -12.28
CA ASN B 445 -4.20 -3.43 -13.20
C ASN B 445 -3.77 -2.14 -13.85
N ALA B 446 -3.23 -1.24 -13.03
CA ALA B 446 -2.72 0.05 -13.49
C ALA B 446 -1.60 -0.14 -14.52
N TYR B 447 -0.68 -1.05 -14.22
CA TYR B 447 0.42 -1.43 -15.12
C TYR B 447 -0.13 -1.95 -16.44
N VAL B 448 -1.10 -2.85 -16.37
CA VAL B 448 -1.73 -3.38 -17.55
C VAL B 448 -2.39 -2.27 -18.37
N THR B 449 -3.07 -1.38 -17.68
CA THR B 449 -3.70 -0.23 -18.37
C THR B 449 -2.65 0.71 -18.96
N ASP B 450 -1.55 0.93 -18.26
CA ASP B 450 -0.49 1.77 -18.80
C ASP B 450 0.17 1.11 -20.02
N MET B 451 0.37 -0.21 -19.98
CA MET B 451 1.07 -0.91 -21.07
C MET B 451 0.15 -1.26 -22.25
N ALA B 452 -1.16 -1.25 -22.03
CA ALA B 452 -2.11 -1.58 -23.08
C ALA B 452 -1.65 -2.77 -23.95
N PRO B 453 -1.51 -3.96 -23.35
CA PRO B 453 -0.98 -5.12 -24.09
C PRO B 453 -1.83 -5.53 -25.28
N TRP B 454 -3.11 -5.16 -25.29
CA TRP B 454 -3.98 -5.41 -26.44
C TRP B 454 -3.46 -4.78 -27.75
N LYS B 455 -2.88 -3.57 -27.67
CA LYS B 455 -2.22 -2.94 -28.81
C LYS B 455 -0.87 -3.58 -29.12
N LEU B 456 -0.17 -4.06 -28.09
CA LEU B 456 1.16 -4.64 -28.28
C LEU B 456 1.19 -5.92 -29.13
N VAL B 457 0.07 -6.65 -29.21
CA VAL B 457 0.01 -7.87 -30.04
C VAL B 457 0.40 -7.53 -31.48
N LYS B 458 -0.02 -6.36 -31.95
CA LYS B 458 0.37 -5.85 -33.27
C LYS B 458 1.72 -5.15 -33.24
N THR B 459 1.81 -4.09 -32.43
CA THR B 459 2.94 -3.16 -32.51
C THR B 459 4.27 -3.71 -31.98
N ASP B 460 4.23 -4.63 -31.02
CA ASP B 460 5.47 -5.07 -30.36
C ASP B 460 5.26 -6.40 -29.61
N PRO B 461 5.26 -7.52 -30.32
CA PRO B 461 5.03 -8.81 -29.66
C PRO B 461 6.08 -9.13 -28.59
N GLU B 462 7.35 -8.76 -28.83
CA GLU B 462 8.41 -9.01 -27.86
C GLU B 462 8.13 -8.33 -26.52
N ARG B 463 7.71 -7.07 -26.57
CA ARG B 463 7.38 -6.33 -25.35
C ARG B 463 6.19 -6.96 -24.64
N LEU B 464 5.22 -7.41 -25.42
CA LEU B 464 4.04 -8.07 -24.87
C LEU B 464 4.41 -9.26 -23.98
N ARG B 465 5.37 -10.06 -24.44
CA ARG B 465 5.85 -11.21 -23.68
C ARG B 465 6.21 -10.82 -22.25
N THR B 466 6.95 -9.73 -22.10
CA THR B 466 7.37 -9.26 -20.79
C THR B 466 6.16 -8.82 -19.96
N VAL B 467 5.29 -8.03 -20.56
CA VAL B 467 4.14 -7.48 -19.85
C VAL B 467 3.21 -8.58 -19.36
N LEU B 468 2.99 -9.54 -20.23
CA LEU B 468 2.08 -10.63 -19.98
C LEU B 468 2.65 -11.58 -18.94
N TYR B 469 3.94 -11.84 -19.01
CA TYR B 469 4.56 -12.70 -18.01
C TYR B 469 4.47 -12.11 -16.59
N ILE B 470 4.73 -10.82 -16.46
CA ILE B 470 4.67 -10.16 -15.15
C ILE B 470 3.23 -10.16 -14.62
N THR B 471 2.29 -9.92 -15.52
CA THR B 471 0.89 -9.90 -15.15
C THR B 471 0.51 -11.30 -14.64
N LEU B 472 0.82 -12.33 -15.42
CA LEU B 472 0.47 -13.70 -15.05
C LEU B 472 1.05 -14.06 -13.68
N GLU B 473 2.32 -13.76 -13.48
CA GLU B 473 2.96 -14.10 -12.21
C GLU B 473 2.33 -13.31 -11.06
N GLY B 474 2.02 -12.05 -11.32
CA GLY B 474 1.35 -11.22 -10.32
C GLY B 474 0.01 -11.81 -9.92
N VAL B 475 -0.77 -12.24 -10.91
CA VAL B 475 -2.06 -12.83 -10.61
C VAL B 475 -1.89 -14.14 -9.85
N ARG B 476 -0.85 -14.91 -10.15
CA ARG B 476 -0.60 -16.15 -9.45
C ARG B 476 -0.27 -15.91 -7.97
N VAL B 477 0.67 -15.02 -7.70
CA VAL B 477 1.10 -14.80 -6.32
C VAL B 477 -0.03 -14.23 -5.47
N THR B 478 -0.75 -13.26 -6.01
CA THR B 478 -1.92 -12.72 -5.34
C THR B 478 -2.99 -13.79 -5.11
N THR B 479 -3.29 -14.58 -6.13
CA THR B 479 -4.30 -15.62 -6.01
C THR B 479 -3.88 -16.62 -4.93
N LEU B 480 -2.60 -16.99 -4.92
CA LEU B 480 -2.07 -17.89 -3.91
C LEU B 480 -2.33 -17.36 -2.49
N LEU B 481 -2.02 -16.09 -2.26
CA LEU B 481 -2.17 -15.51 -0.92
C LEU B 481 -3.63 -15.21 -0.54
N LEU B 482 -4.52 -15.22 -1.53
CA LEU B 482 -5.94 -15.06 -1.28
C LEU B 482 -6.65 -16.41 -1.22
N SER B 483 -5.95 -17.51 -1.49
CA SER B 483 -6.61 -18.81 -1.54
C SER B 483 -7.26 -19.19 -0.20
N PRO B 484 -6.72 -18.71 0.93
CA PRO B 484 -7.45 -18.96 2.18
C PRO B 484 -8.76 -18.19 2.29
N ILE B 485 -8.90 -17.10 1.55
CA ILE B 485 -10.10 -16.26 1.61
C ILE B 485 -11.11 -16.73 0.57
N LEU B 486 -10.62 -17.09 -0.62
CA LEU B 486 -11.45 -17.54 -1.73
C LEU B 486 -11.00 -18.96 -2.11
N PRO B 487 -11.29 -19.94 -1.25
CA PRO B 487 -10.71 -21.25 -1.51
C PRO B 487 -11.18 -21.92 -2.81
N ARG B 488 -12.43 -21.68 -3.23
CA ARG B 488 -12.94 -22.27 -4.48
C ARG B 488 -12.58 -21.44 -5.71
N LYS B 489 -12.77 -20.12 -5.65
CA LYS B 489 -12.47 -19.28 -6.81
C LYS B 489 -10.99 -19.28 -7.15
N SER B 490 -10.13 -19.38 -6.13
CA SER B 490 -8.70 -19.49 -6.39
C SER B 490 -8.35 -20.72 -7.22
N VAL B 491 -9.09 -21.82 -7.03
CA VAL B 491 -8.88 -23.03 -7.84
C VAL B 491 -9.27 -22.75 -9.29
N VAL B 492 -10.39 -22.05 -9.50
CA VAL B 492 -10.80 -21.68 -10.87
C VAL B 492 -9.72 -20.83 -11.55
N ILE B 493 -9.18 -19.86 -10.81
CA ILE B 493 -8.19 -18.95 -11.34
C ILE B 493 -6.94 -19.73 -11.71
N PHE B 494 -6.46 -20.55 -10.78
CA PHE B 494 -5.28 -21.35 -11.07
C PHE B 494 -5.54 -22.22 -12.29
N ASP B 495 -6.72 -22.82 -12.37
CA ASP B 495 -7.09 -23.60 -13.56
C ASP B 495 -6.99 -22.76 -14.84
N MET B 496 -7.60 -21.58 -14.86
CA MET B 496 -7.52 -20.69 -16.05
C MET B 496 -6.08 -20.39 -16.44
N LEU B 497 -5.26 -20.04 -15.44
CA LEU B 497 -3.85 -19.74 -15.67
C LEU B 497 -3.01 -20.97 -16.00
N GLY B 498 -3.55 -22.16 -15.76
CA GLY B 498 -2.85 -23.40 -15.99
C GLY B 498 -1.70 -23.62 -15.03
N VAL B 499 -1.83 -23.12 -13.80
CA VAL B 499 -0.81 -23.32 -12.78
C VAL B 499 -0.83 -24.78 -12.35
N PRO B 500 0.29 -25.50 -12.51
CA PRO B 500 0.31 -26.88 -12.06
C PRO B 500 0.02 -26.99 -10.57
N GLU B 501 -0.61 -28.10 -10.17
CA GLU B 501 -0.97 -28.35 -8.78
C GLU B 501 0.14 -28.05 -7.79
N VAL B 502 1.33 -28.52 -8.13
CA VAL B 502 2.45 -28.47 -7.21
C VAL B 502 2.86 -27.02 -6.90
N HIS B 503 2.50 -26.08 -7.78
CA HIS B 503 2.81 -24.66 -7.57
C HIS B 503 1.67 -23.84 -6.92
N ARG B 504 0.62 -24.52 -6.45
CA ARG B 504 -0.53 -23.85 -5.83
C ARG B 504 -0.46 -23.85 -4.30
N LYS B 505 0.63 -24.38 -3.77
CA LYS B 505 0.80 -24.64 -2.35
C LYS B 505 2.29 -24.52 -2.03
N GLY B 506 2.64 -24.15 -0.80
CA GLY B 506 4.03 -24.23 -0.34
C GLY B 506 4.74 -22.89 -0.31
N ILE B 507 5.39 -22.59 0.81
CA ILE B 507 6.08 -21.33 0.97
C ILE B 507 7.06 -21.03 -0.16
N GLU B 508 7.70 -22.08 -0.67
CA GLU B 508 8.64 -21.93 -1.79
C GLU B 508 7.97 -21.35 -3.03
N ASN B 509 6.66 -21.52 -3.17
CA ASN B 509 5.93 -20.98 -4.33
C ASN B 509 5.37 -19.57 -4.16
N PHE B 510 5.63 -18.98 -2.99
CA PHE B 510 5.34 -17.57 -2.75
C PHE B 510 6.25 -16.71 -3.65
N GLU B 511 7.42 -17.24 -3.99
CA GLU B 511 8.43 -16.52 -4.74
C GLU B 511 8.06 -16.22 -6.18
N PHE B 512 8.33 -14.97 -6.59
CA PHE B 512 8.21 -14.53 -7.98
C PHE B 512 9.02 -15.47 -8.86
N GLY B 513 8.40 -15.97 -9.93
CA GLY B 513 9.08 -16.81 -10.91
C GLY B 513 8.88 -18.33 -10.82
N ALA B 514 8.03 -18.80 -9.92
CA ALA B 514 7.90 -20.24 -9.68
C ALA B 514 7.31 -21.04 -10.85
N VAL B 515 6.55 -20.40 -11.72
CA VAL B 515 5.94 -21.07 -12.86
C VAL B 515 6.75 -20.74 -14.10
N PRO B 516 7.28 -21.77 -14.78
CA PRO B 516 8.20 -21.48 -15.87
C PRO B 516 7.47 -21.04 -17.14
N PRO B 517 8.11 -20.16 -17.92
CA PRO B 517 7.60 -19.83 -19.26
C PRO B 517 7.35 -21.08 -20.09
N GLY B 518 6.33 -21.05 -20.94
CA GLY B 518 5.98 -22.21 -21.76
C GLY B 518 4.81 -22.99 -21.20
N THR B 519 4.57 -22.86 -19.89
CA THR B 519 3.36 -23.38 -19.27
C THR B 519 2.14 -22.93 -20.04
N ARG B 520 1.30 -23.87 -20.43
CA ARG B 520 0.10 -23.58 -21.21
C ARG B 520 -1.04 -23.23 -20.27
N LEU B 521 -1.85 -22.26 -20.67
CA LEU B 521 -3.06 -21.88 -19.94
C LEU B 521 -4.05 -23.03 -19.88
N GLY B 522 -5.03 -22.90 -19.00
CA GLY B 522 -6.16 -23.80 -18.98
C GLY B 522 -7.04 -23.53 -20.18
N PRO B 523 -7.96 -24.47 -20.49
CA PRO B 523 -8.88 -24.21 -21.58
C PRO B 523 -9.92 -23.21 -21.13
N ALA B 524 -10.38 -22.35 -22.03
CA ALA B 524 -11.45 -21.42 -21.73
C ALA B 524 -12.77 -22.07 -22.13
N VAL B 525 -13.88 -21.64 -21.53
CA VAL B 525 -15.22 -22.08 -21.94
C VAL B 525 -16.07 -20.85 -22.31
N GLU B 526 -17.00 -21.04 -23.25
CA GLU B 526 -17.79 -19.94 -23.83
C GLU B 526 -18.48 -19.07 -22.78
N GLY B 527 -18.09 -17.80 -22.70
CA GLY B 527 -18.75 -16.83 -21.82
C GLY B 527 -18.57 -17.11 -20.33
N GLU B 528 -17.45 -17.75 -19.97
CA GLU B 528 -17.16 -18.07 -18.58
C GLU B 528 -16.83 -16.80 -17.81
N VAL B 529 -17.44 -16.64 -16.64
CA VAL B 529 -17.19 -15.46 -15.80
C VAL B 529 -16.75 -15.90 -14.40
N LEU B 530 -15.78 -15.19 -13.85
CA LEU B 530 -15.23 -15.53 -12.54
C LEU B 530 -16.14 -15.02 -11.43
N PHE B 531 -16.45 -13.73 -11.46
CA PHE B 531 -17.42 -13.13 -10.54
C PHE B 531 -18.43 -12.32 -11.33
N SER B 532 -19.70 -12.77 -11.30
CA SER B 532 -20.76 -12.07 -12.02
C SER B 532 -21.14 -10.81 -11.27
N LYS B 533 -21.16 -9.68 -11.99
CA LYS B 533 -21.57 -8.41 -11.41
C LYS B 533 -23.07 -8.44 -11.19
N ARG B 534 -23.54 -7.73 -10.19
CA ARG B 534 -24.97 -7.68 -9.90
C ARG B 534 -25.46 -6.26 -9.76
N SER B 535 -26.74 -6.04 -10.09
CA SER B 535 -27.29 -4.69 -10.25
C SER B 535 -27.42 -3.92 -8.93
N THR B 536 -27.50 -2.59 -9.04
CA THR B 536 -27.72 -1.72 -7.88
C THR B 536 -29.20 -1.75 -7.43
#